data_3GDU
#
_entry.id   3GDU
#
_cell.length_a   117.572
_cell.length_b   171.278
_cell.length_c   111.693
_cell.angle_alpha   90.000
_cell.angle_beta   90.000
_cell.angle_gamma   90.000
#
_symmetry.space_group_name_H-M   'C 2 2 21'
#
loop_
_entity.id
_entity.type
_entity.pdbx_description
1 polymer 'DegS protease'
2 polymer 'YRF peptide'
#
loop_
_entity_poly.entity_id
_entity_poly.type
_entity_poly.pdbx_seq_one_letter_code
_entity_poly.pdbx_strand_id
1 'polypeptide(L)'
;MRGSHHHHHHGRSLNPLSTPQFDSTDETPASYNLAVRRAAPAVVNVYNRGLNTNSHNQLEIRTLGSGVIMDQRGYIITNK
HVINDADQIIVALQDGRVFEALLVGSDSLTDLAVLKINATGGLPTIPINARRVPHIGDVVLAIGNPYNLGQTITQGIISA
TGRIGLNPTGRQNFLQTDASINPGN(MIS)GGALVNSLGELMGINTLSFDKSNDGETPEGIGFAIPFQLATKIMDKLIRD
GRVIRGYIGIGGREIAPLHAQGGGIDQLQGIVVNEVSPDGPAANAGIQVNDLIISVDNKPAISALETMAQVAEIRPGSVI
PVVVMRDDKQLTLQVTIQEYPATN
;
A,B,C
2 'polypeptide(L)' YRF D,E,F
#
# COMPACT_ATOMS: atom_id res chain seq x y z
N ASP A 23 17.14 -11.42 23.84
CA ASP A 23 17.33 -9.98 23.78
C ASP A 23 17.52 -9.50 22.33
N SER A 24 16.55 -8.73 21.84
CA SER A 24 16.61 -8.20 20.49
C SER A 24 17.50 -6.96 20.42
N THR A 25 17.87 -6.47 21.59
CA THR A 25 18.65 -5.23 21.71
C THR A 25 20.03 -5.33 21.07
N ASP A 26 20.45 -6.54 20.74
CA ASP A 26 21.77 -6.75 20.14
C ASP A 26 21.68 -7.09 18.66
N GLU A 27 20.46 -7.06 18.12
CA GLU A 27 20.22 -7.40 16.73
C GLU A 27 20.05 -6.15 15.86
N THR A 28 19.98 -6.35 14.55
CA THR A 28 19.90 -5.23 13.62
C THR A 28 18.54 -5.12 12.94
N PRO A 29 17.91 -3.94 13.05
CA PRO A 29 16.60 -3.67 12.44
C PRO A 29 16.70 -3.50 10.93
N ALA A 30 15.80 -4.15 10.19
CA ALA A 30 15.75 -3.95 8.75
C ALA A 30 15.40 -2.50 8.46
N SER A 31 16.25 -1.82 7.69
CA SER A 31 16.07 -0.40 7.45
C SER A 31 16.59 0.06 6.08
N TYR A 32 15.92 1.06 5.52
CA TYR A 32 16.37 1.69 4.30
C TYR A 32 16.94 3.06 4.61
N ASN A 33 17.33 3.24 5.88
CA ASN A 33 17.90 4.50 6.34
C ASN A 33 19.16 4.86 5.58
N LEU A 34 19.89 3.85 5.13
CA LEU A 34 21.08 4.05 4.33
C LEU A 34 20.76 4.91 3.11
N ALA A 35 19.75 4.49 2.36
CA ALA A 35 19.32 5.21 1.16
C ALA A 35 18.84 6.61 1.51
N VAL A 36 18.30 6.75 2.72
CA VAL A 36 17.75 8.02 3.16
C VAL A 36 18.85 9.06 3.44
N ARG A 37 19.93 8.61 4.06
CA ARG A 37 21.02 9.51 4.40
C ARG A 37 21.77 9.99 3.16
N ARG A 38 21.86 9.12 2.15
CA ARG A 38 22.59 9.44 0.93
C ARG A 38 21.83 10.39 0.02
N ALA A 39 20.51 10.23 -0.04
CA ALA A 39 19.70 10.95 -1.02
C ALA A 39 18.86 12.08 -0.44
N ALA A 40 18.37 11.91 0.78
CA ALA A 40 17.48 12.89 1.39
C ALA A 40 17.97 14.33 1.30
N PRO A 41 19.19 14.60 1.78
CA PRO A 41 19.65 16.00 1.81
C PRO A 41 19.56 16.64 0.43
N ALA A 42 19.81 15.87 -0.61
CA ALA A 42 19.80 16.38 -1.98
C ALA A 42 18.39 16.72 -2.47
N VAL A 43 17.38 16.21 -1.78
CA VAL A 43 15.99 16.49 -2.13
C VAL A 43 15.51 17.76 -1.44
N VAL A 44 15.09 18.74 -2.23
CA VAL A 44 14.71 20.04 -1.70
C VAL A 44 13.23 20.35 -1.88
N ASN A 45 12.72 21.30 -1.11
CA ASN A 45 11.33 21.71 -1.21
C ASN A 45 11.18 22.92 -2.12
N VAL A 46 10.41 22.75 -3.19
CA VAL A 46 10.21 23.83 -4.16
C VAL A 46 8.91 24.58 -3.89
N TYR A 47 9.01 25.90 -3.73
CA TYR A 47 7.86 26.74 -3.45
C TYR A 47 7.59 27.70 -4.60
N ASN A 48 6.39 27.62 -5.16
CA ASN A 48 5.97 28.52 -6.24
C ASN A 48 5.17 29.69 -5.68
N ARG A 49 5.61 30.91 -5.99
CA ARG A 49 4.96 32.10 -5.46
C ARG A 49 4.31 32.99 -6.52
N GLY A 50 3.11 33.46 -6.20
CA GLY A 50 2.44 34.46 -7.01
C GLY A 50 1.60 35.34 -6.11
N LEU A 51 1.40 36.60 -6.51
CA LEU A 51 0.68 37.54 -5.69
C LEU A 51 -0.57 38.13 -6.37
N ASN A 52 -1.67 38.16 -5.62
CA ASN A 52 -2.92 38.72 -6.12
C ASN A 52 -2.95 40.24 -6.03
N GLU A 60 2.07 35.09 -2.17
CA GLU A 60 2.39 33.99 -1.28
C GLU A 60 2.50 32.69 -2.06
N ILE A 61 2.60 31.58 -1.34
CA ILE A 61 2.75 30.26 -1.96
C ILE A 61 1.48 29.86 -2.71
N ARG A 62 1.57 29.84 -4.04
CA ARG A 62 0.45 29.41 -4.87
C ARG A 62 0.53 27.90 -5.10
N THR A 63 1.74 27.36 -5.05
CA THR A 63 1.95 25.93 -5.23
C THR A 63 3.27 25.53 -4.57
N LEU A 64 3.45 24.24 -4.34
CA LEU A 64 4.69 23.73 -3.80
C LEU A 64 4.91 22.27 -4.16
N GLY A 65 6.18 21.86 -4.19
CA GLY A 65 6.52 20.49 -4.54
C GLY A 65 7.90 20.12 -4.03
N SER A 66 8.63 19.33 -4.82
CA SER A 66 9.96 18.90 -4.46
C SER A 66 10.94 19.02 -5.62
N GLY A 67 12.23 18.99 -5.29
CA GLY A 67 13.26 19.08 -6.30
C GLY A 67 14.45 18.23 -5.93
N VAL A 68 15.30 17.94 -6.91
CA VAL A 68 16.49 17.16 -6.66
C VAL A 68 17.72 17.81 -7.29
N ILE A 69 18.78 17.99 -6.50
CA ILE A 69 20.01 18.59 -6.98
C ILE A 69 20.87 17.56 -7.71
N MET A 70 21.02 17.72 -9.01
CA MET A 70 21.77 16.73 -9.80
C MET A 70 23.25 17.02 -9.81
N ASP A 71 23.59 18.29 -10.01
CA ASP A 71 24.99 18.69 -10.15
C ASP A 71 25.39 19.74 -9.12
N GLN A 72 26.69 19.85 -8.88
CA GLN A 72 27.23 20.81 -7.92
C GLN A 72 26.92 22.25 -8.32
N ARG A 73 26.74 22.48 -9.62
CA ARG A 73 26.47 23.83 -10.12
C ARG A 73 25.23 24.44 -9.49
N GLY A 74 24.31 23.59 -9.03
CA GLY A 74 23.09 24.06 -8.39
C GLY A 74 21.87 23.88 -9.27
N TYR A 75 21.96 22.97 -10.23
CA TYR A 75 20.83 22.66 -11.10
C TYR A 75 19.91 21.63 -10.44
N ILE A 76 18.62 21.95 -10.38
CA ILE A 76 17.64 21.08 -9.74
C ILE A 76 16.60 20.61 -10.75
N ILE A 77 16.11 19.39 -10.59
CA ILE A 77 15.05 18.90 -11.44
C ILE A 77 13.72 18.88 -10.69
N THR A 78 12.69 19.42 -11.33
CA THR A 78 11.35 19.43 -10.77
C THR A 78 10.34 19.34 -11.92
N ASN A 79 9.11 18.98 -11.61
CA ASN A 79 8.08 18.91 -12.63
C ASN A 79 7.70 20.30 -13.12
N LYS A 80 7.40 20.41 -14.42
CA LYS A 80 7.03 21.68 -15.00
C LYS A 80 5.77 22.26 -14.38
N HIS A 81 4.79 21.39 -14.11
CA HIS A 81 3.52 21.82 -13.56
C HIS A 81 3.70 22.46 -12.18
N VAL A 82 4.68 21.98 -11.44
CA VAL A 82 4.97 22.48 -10.10
C VAL A 82 5.33 23.96 -10.12
N ILE A 83 6.15 24.35 -11.09
CA ILE A 83 6.74 25.68 -11.12
C ILE A 83 6.03 26.64 -12.09
N ASN A 84 5.09 26.11 -12.85
CA ASN A 84 4.44 26.90 -13.91
C ASN A 84 3.81 28.20 -13.39
N ASP A 85 3.99 29.26 -14.16
CA ASP A 85 3.42 30.57 -13.84
C ASP A 85 3.88 31.05 -12.47
N ALA A 86 5.17 30.89 -12.20
CA ALA A 86 5.75 31.29 -10.92
C ALA A 86 6.48 32.62 -11.02
N ASP A 87 5.96 33.63 -10.36
CA ASP A 87 6.60 34.94 -10.32
C ASP A 87 7.89 34.86 -9.50
N GLN A 88 8.00 33.81 -8.68
CA GLN A 88 9.19 33.58 -7.88
C GLN A 88 9.26 32.11 -7.44
N ILE A 89 10.43 31.51 -7.58
CA ILE A 89 10.62 30.11 -7.21
C ILE A 89 11.61 29.98 -6.05
N ILE A 90 11.09 29.78 -4.86
CA ILE A 90 11.93 29.62 -3.67
C ILE A 90 12.21 28.15 -3.39
N VAL A 91 13.49 27.81 -3.30
CA VAL A 91 13.91 26.45 -3.00
C VAL A 91 14.46 26.35 -1.58
N ALA A 92 14.16 25.25 -0.91
CA ALA A 92 14.60 25.04 0.47
C ALA A 92 15.28 23.69 0.65
N LEU A 93 16.47 23.71 1.25
CA LEU A 93 17.24 22.49 1.49
C LEU A 93 17.01 21.94 2.89
N GLN A 94 17.29 20.65 3.06
CA GLN A 94 17.12 20.00 4.36
C GLN A 94 18.11 20.53 5.39
N ASP A 95 19.27 21.00 4.93
CA ASP A 95 20.28 21.51 5.85
C ASP A 95 19.90 22.88 6.42
N GLY A 96 18.93 23.54 5.79
CA GLY A 96 18.42 24.80 6.28
C GLY A 96 18.45 25.93 5.28
N ARG A 97 19.46 25.92 4.41
CA ARG A 97 19.64 27.00 3.44
C ARG A 97 18.44 27.17 2.51
N VAL A 98 18.19 28.43 2.12
CA VAL A 98 17.09 28.75 1.23
C VAL A 98 17.55 29.66 0.11
N PHE A 99 17.15 29.35 -1.13
CA PHE A 99 17.57 30.13 -2.28
C PHE A 99 16.39 30.46 -3.19
N GLU A 100 16.56 31.52 -3.99
CA GLU A 100 15.60 31.83 -5.04
C GLU A 100 16.08 31.25 -6.36
N ALA A 101 15.36 30.26 -6.85
CA ALA A 101 15.77 29.54 -8.05
C ALA A 101 15.48 30.32 -9.32
N LEU A 102 16.30 30.11 -10.34
CA LEU A 102 16.04 30.62 -11.68
C LEU A 102 15.69 29.45 -12.59
N LEU A 103 14.65 29.63 -13.41
CA LEU A 103 14.20 28.56 -14.29
C LEU A 103 15.03 28.48 -15.56
N VAL A 104 15.85 27.44 -15.66
CA VAL A 104 16.68 27.20 -16.83
C VAL A 104 15.82 26.95 -18.06
N GLY A 105 14.83 26.06 -17.92
CA GLY A 105 13.92 25.75 -19.00
C GLY A 105 12.77 24.87 -18.54
N SER A 106 11.70 24.85 -19.33
CA SER A 106 10.52 24.05 -18.99
C SER A 106 10.08 23.23 -20.20
N ASP A 107 9.94 21.92 -19.99
CA ASP A 107 9.51 21.02 -21.06
C ASP A 107 8.10 20.50 -20.81
N SER A 108 7.13 21.03 -21.55
CA SER A 108 5.73 20.66 -21.39
C SER A 108 5.51 19.16 -21.57
N LEU A 109 6.20 18.57 -22.53
CA LEU A 109 5.99 17.17 -22.88
C LEU A 109 6.21 16.22 -21.71
N THR A 110 7.42 16.23 -21.15
CA THR A 110 7.76 15.32 -20.06
C THR A 110 7.46 15.90 -18.68
N ASP A 111 6.96 17.14 -18.67
CA ASP A 111 6.59 17.79 -17.42
C ASP A 111 7.81 17.93 -16.50
N LEU A 112 8.93 18.35 -17.08
CA LEU A 112 10.15 18.58 -16.32
C LEU A 112 10.57 20.04 -16.35
N ALA A 113 11.38 20.43 -15.38
CA ALA A 113 11.86 21.80 -15.27
C ALA A 113 13.18 21.84 -14.52
N VAL A 114 14.16 22.52 -15.10
CA VAL A 114 15.48 22.63 -14.48
C VAL A 114 15.61 23.99 -13.77
N LEU A 115 16.11 23.96 -12.54
CA LEU A 115 16.27 25.17 -11.75
C LEU A 115 17.73 25.52 -11.51
N LYS A 116 17.97 26.76 -11.10
CA LYS A 116 19.33 27.23 -10.86
C LYS A 116 19.41 28.03 -9.56
N ILE A 117 20.38 27.73 -8.73
CA ILE A 117 20.60 28.48 -7.49
C ILE A 117 22.09 28.65 -7.23
N ASN A 118 22.45 29.66 -6.44
CA ASN A 118 23.85 29.89 -6.08
C ASN A 118 24.23 29.17 -4.78
N ALA A 119 25.28 28.36 -4.88
CA ALA A 119 25.63 27.43 -3.81
C ALA A 119 27.00 27.73 -3.20
N THR A 120 27.03 27.94 -1.88
CA THR A 120 28.28 28.21 -1.19
C THR A 120 28.58 27.14 -0.14
N GLY A 121 29.82 26.66 -0.12
CA GLY A 121 30.20 25.59 0.79
C GLY A 121 29.75 24.25 0.26
N GLY A 122 29.23 24.25 -0.96
CA GLY A 122 28.82 23.02 -1.61
C GLY A 122 27.41 22.61 -1.24
N LEU A 123 26.88 21.64 -1.98
CA LEU A 123 25.51 21.17 -1.76
C LEU A 123 25.48 19.66 -1.67
N PRO A 124 24.40 19.11 -1.07
CA PRO A 124 24.19 17.67 -1.12
C PRO A 124 23.74 17.33 -2.53
N THR A 125 24.23 16.24 -3.09
CA THR A 125 23.84 15.87 -4.44
C THR A 125 23.15 14.52 -4.46
N ILE A 126 22.13 14.39 -5.30
CA ILE A 126 21.46 13.13 -5.46
C ILE A 126 22.41 12.13 -6.11
N PRO A 127 22.66 11.01 -5.42
CA PRO A 127 23.48 9.93 -5.98
C PRO A 127 22.89 9.36 -7.27
N ILE A 128 23.66 9.43 -8.35
CA ILE A 128 23.25 8.87 -9.63
C ILE A 128 24.23 7.81 -10.11
N ASN A 129 23.69 6.67 -10.55
CA ASN A 129 24.50 5.67 -11.23
C ASN A 129 23.95 5.41 -12.62
N ALA A 130 24.64 5.95 -13.62
CA ALA A 130 24.23 5.74 -15.01
C ALA A 130 24.24 4.25 -15.35
N ARG A 131 25.26 3.55 -14.88
CA ARG A 131 25.40 2.12 -15.11
C ARG A 131 24.23 1.33 -14.54
N ARG A 132 23.69 1.79 -13.42
CA ARG A 132 22.57 1.11 -12.78
C ARG A 132 21.33 1.09 -13.67
N VAL A 133 20.75 -0.09 -13.81
CA VAL A 133 19.51 -0.24 -14.58
C VAL A 133 18.36 -0.56 -13.64
N PRO A 134 17.30 0.28 -13.67
CA PRO A 134 16.08 0.00 -12.92
C PRO A 134 15.51 -1.38 -13.21
N HIS A 135 15.24 -2.13 -12.16
CA HIS A 135 14.61 -3.44 -12.27
C HIS A 135 13.25 -3.43 -11.60
N ILE A 136 12.23 -3.93 -12.30
CA ILE A 136 10.93 -4.09 -11.68
C ILE A 136 11.08 -4.91 -10.41
N GLY A 137 10.49 -4.43 -9.32
CA GLY A 137 10.58 -5.12 -8.05
C GLY A 137 11.65 -4.54 -7.13
N ASP A 138 12.41 -3.58 -7.65
CA ASP A 138 13.43 -2.90 -6.85
C ASP A 138 12.78 -2.04 -5.78
N VAL A 139 13.17 -2.26 -4.53
CA VAL A 139 12.66 -1.43 -3.44
C VAL A 139 13.09 0.01 -3.64
N VAL A 140 12.12 0.91 -3.72
CA VAL A 140 12.40 2.31 -3.94
C VAL A 140 11.80 3.20 -2.86
N LEU A 141 12.57 4.18 -2.41
CA LEU A 141 12.09 5.15 -1.45
C LEU A 141 11.67 6.42 -2.18
N ALA A 142 10.48 6.91 -1.87
CA ALA A 142 10.01 8.16 -2.43
C ALA A 142 10.28 9.29 -1.45
N ILE A 143 11.20 10.17 -1.81
CA ILE A 143 11.53 11.31 -0.99
C ILE A 143 10.82 12.55 -1.52
N GLY A 144 10.07 13.21 -0.66
CA GLY A 144 9.32 14.38 -1.06
C GLY A 144 8.71 15.13 0.10
N ASN A 145 7.91 16.15 -0.20
CA ASN A 145 7.29 16.99 0.81
C ASN A 145 5.77 16.95 0.71
N PRO A 146 5.18 15.79 1.05
CA PRO A 146 3.73 15.60 0.91
C PRO A 146 2.96 16.56 1.80
N TYR A 147 1.98 17.25 1.22
CA TYR A 147 1.12 18.15 1.97
C TYR A 147 1.92 19.09 2.86
N ASN A 148 3.13 19.42 2.41
CA ASN A 148 4.01 20.34 3.14
C ASN A 148 4.29 19.86 4.56
N LEU A 149 4.18 18.55 4.77
CA LEU A 149 4.43 17.97 6.10
C LEU A 149 5.91 17.96 6.43
N GLY A 150 6.75 18.18 5.42
CA GLY A 150 8.18 18.07 5.58
C GLY A 150 8.69 16.88 4.79
N GLN A 151 10.01 16.73 4.71
CA GLN A 151 10.59 15.64 3.93
C GLN A 151 10.12 14.27 4.40
N THR A 152 9.35 13.60 3.55
CA THR A 152 8.76 12.31 3.89
C THR A 152 9.38 11.19 3.07
N ILE A 153 9.65 10.06 3.72
CA ILE A 153 10.19 8.90 3.03
C ILE A 153 9.22 7.73 3.04
N THR A 154 8.53 7.54 1.92
CA THR A 154 7.64 6.40 1.76
C THR A 154 8.36 5.29 0.98
N GLN A 155 8.13 4.05 1.38
CA GLN A 155 8.79 2.92 0.72
C GLN A 155 7.82 2.11 -0.14
N GLY A 156 8.33 1.63 -1.27
CA GLY A 156 7.56 0.78 -2.16
C GLY A 156 8.52 0.03 -3.08
N ILE A 157 8.05 -0.31 -4.27
CA ILE A 157 8.91 -0.92 -5.28
C ILE A 157 8.64 -0.34 -6.65
N ILE A 158 9.38 -0.81 -7.65
CA ILE A 158 9.12 -0.44 -9.02
C ILE A 158 8.09 -1.38 -9.61
N SER A 159 6.88 -0.88 -9.81
CA SER A 159 5.78 -1.69 -10.32
C SER A 159 5.97 -2.06 -11.78
N ALA A 160 6.36 -1.08 -12.58
CA ALA A 160 6.59 -1.32 -14.00
C ALA A 160 7.43 -0.20 -14.62
N THR A 161 7.86 -0.42 -15.86
CA THR A 161 8.68 0.56 -16.58
C THR A 161 8.17 0.76 -18.01
N GLY A 162 8.35 1.95 -18.53
CA GLY A 162 7.94 2.27 -19.89
C GLY A 162 6.46 2.58 -20.03
N ARG A 163 5.80 2.76 -18.89
CA ARG A 163 4.37 3.05 -18.87
C ARG A 163 4.03 4.37 -19.55
N ILE A 164 2.90 4.38 -20.28
CA ILE A 164 2.44 5.59 -20.96
C ILE A 164 1.98 6.64 -19.96
N GLY A 165 1.46 6.20 -18.83
CA GLY A 165 0.90 7.09 -17.82
C GLY A 165 -0.62 7.09 -17.87
N LEU A 166 -1.23 8.12 -17.26
CA LEU A 166 -2.68 8.26 -17.28
C LEU A 166 -3.17 8.45 -18.71
N ASN A 167 -2.40 9.21 -19.49
CA ASN A 167 -2.71 9.49 -20.88
C ASN A 167 -1.79 8.69 -21.80
N PRO A 168 -2.37 7.98 -22.79
CA PRO A 168 -1.59 7.19 -23.75
C PRO A 168 -0.62 8.06 -24.55
N THR A 169 -1.05 9.25 -24.91
CA THR A 169 -0.25 10.18 -25.69
C THR A 169 0.97 10.66 -24.92
N GLY A 170 2.05 10.95 -25.63
CA GLY A 170 3.21 11.60 -25.03
C GLY A 170 4.41 10.69 -24.82
N ARG A 171 4.24 9.39 -25.04
CA ARG A 171 5.34 8.44 -24.84
C ARG A 171 6.07 8.76 -23.55
N GLN A 172 5.32 8.82 -22.46
CA GLN A 172 5.84 9.28 -21.18
C GLN A 172 6.98 8.43 -20.62
N ASN A 173 6.88 7.11 -20.74
CA ASN A 173 7.91 6.22 -20.24
C ASN A 173 8.14 6.39 -18.74
N PHE A 174 7.05 6.54 -18.00
CA PHE A 174 7.14 6.70 -16.55
C PHE A 174 7.52 5.37 -15.90
N LEU A 175 8.13 5.45 -14.72
CA LEU A 175 8.35 4.29 -13.88
C LEU A 175 7.22 4.22 -12.87
N GLN A 176 6.50 3.11 -12.84
CA GLN A 176 5.38 2.96 -11.93
C GLN A 176 5.88 2.46 -10.58
N THR A 177 5.28 2.96 -9.51
CA THR A 177 5.72 2.63 -8.15
C THR A 177 4.56 2.69 -7.17
N ASP A 178 4.48 1.69 -6.29
CA ASP A 178 3.41 1.65 -5.30
C ASP A 178 3.82 2.33 -4.00
N ALA A 179 5.03 2.90 -3.98
CA ALA A 179 5.46 3.71 -2.86
C ALA A 179 4.54 4.92 -2.78
N SER A 180 4.02 5.20 -1.59
CA SER A 180 3.02 6.25 -1.42
C SER A 180 3.47 7.59 -2.01
N ILE A 181 2.75 8.04 -3.02
CA ILE A 181 3.04 9.31 -3.67
C ILE A 181 1.85 10.26 -3.52
N ASN A 182 2.07 11.38 -2.84
CA ASN A 182 1.03 12.37 -2.64
C ASN A 182 1.44 13.74 -3.14
N PRO A 183 0.48 14.67 -3.25
CA PRO A 183 0.80 16.05 -3.62
C PRO A 183 1.92 16.60 -2.76
N GLY A 184 3.00 17.05 -3.40
CA GLY A 184 4.15 17.53 -2.68
C GLY A 184 5.38 16.68 -2.95
N ASN A 185 5.19 15.56 -3.63
CA ASN A 185 6.30 14.69 -4.01
C ASN A 185 6.75 14.95 -5.44
N MIS A 186 6.02 15.82 -6.14
CA MIS A 186 6.34 16.17 -7.55
CB MIS A 186 5.28 17.13 -8.07
OG MIS A 186 4.09 16.38 -8.32
P MIS A 186 2.87 16.46 -7.27
O1P MIS A 186 3.41 16.24 -5.89
O2P MIS A 186 2.04 17.69 -7.57
O3P MIS A 186 2.03 15.16 -7.69
C1 MIS A 186 2.22 13.97 -6.95
C2 MIS A 186 1.01 13.07 -7.12
C3 MIS A 186 3.49 13.30 -7.44
C MIS A 186 7.69 16.82 -7.67
O MIS A 186 7.99 17.80 -6.98
N GLY A 187 8.51 16.30 -8.56
CA GLY A 187 9.87 16.78 -8.73
C GLY A 187 10.77 16.22 -7.65
N GLY A 188 10.24 15.28 -6.87
CA GLY A 188 10.98 14.65 -5.80
C GLY A 188 11.79 13.46 -6.28
N ALA A 189 12.64 12.94 -5.41
CA ALA A 189 13.53 11.85 -5.78
C ALA A 189 12.96 10.47 -5.45
N LEU A 190 12.83 9.64 -6.47
CA LEU A 190 12.53 8.23 -6.29
C LEU A 190 13.85 7.46 -6.39
N VAL A 191 14.23 6.78 -5.31
CA VAL A 191 15.54 6.17 -5.24
C VAL A 191 15.49 4.72 -4.77
N ASN A 192 16.54 3.96 -5.07
CA ASN A 192 16.63 2.57 -4.62
C ASN A 192 17.18 2.49 -3.19
N SER A 193 17.28 1.27 -2.67
CA SER A 193 17.78 1.05 -1.32
C SER A 193 19.23 1.53 -1.20
N LEU A 194 19.96 1.47 -2.30
CA LEU A 194 21.34 1.93 -2.31
C LEU A 194 21.39 3.44 -2.21
N GLY A 195 20.31 4.09 -2.63
CA GLY A 195 20.24 5.54 -2.59
C GLY A 195 20.43 6.17 -3.96
N GLU A 196 20.72 5.34 -4.94
CA GLU A 196 20.84 5.79 -6.32
C GLU A 196 19.50 6.30 -6.83
N LEU A 197 19.51 7.47 -7.45
CA LEU A 197 18.30 8.04 -8.02
C LEU A 197 17.73 7.11 -9.10
N MET A 198 16.44 6.79 -8.97
CA MET A 198 15.78 5.94 -9.95
C MET A 198 14.92 6.78 -10.89
N GLY A 199 14.16 7.72 -10.32
CA GLY A 199 13.31 8.58 -11.11
C GLY A 199 12.82 9.80 -10.35
N ILE A 200 12.21 10.73 -11.09
CA ILE A 200 11.62 11.92 -10.50
C ILE A 200 10.11 11.72 -10.38
N ASN A 201 9.61 11.67 -9.15
CA ASN A 201 8.19 11.53 -8.91
C ASN A 201 7.42 12.66 -9.60
N THR A 202 6.42 12.30 -10.39
CA THR A 202 5.75 13.27 -11.23
C THR A 202 4.23 13.20 -11.11
N LEU A 203 3.68 12.01 -11.26
CA LEU A 203 2.25 11.85 -11.36
C LEU A 203 1.72 10.75 -10.44
N SER A 204 0.49 10.95 -9.95
CA SER A 204 -0.20 9.92 -9.20
C SER A 204 -1.52 9.63 -9.90
N PHE A 205 -1.95 8.37 -9.83
CA PHE A 205 -3.18 7.95 -10.49
C PHE A 205 -4.38 8.19 -9.57
N ASP A 206 -5.30 9.05 -10.01
CA ASP A 206 -6.52 9.31 -9.24
C ASP A 206 -7.76 9.09 -10.10
N LYS A 207 -7.58 8.62 -11.32
CA LYS A 207 -8.72 8.37 -12.20
C LYS A 207 -9.70 7.41 -11.54
N SER A 208 -10.97 7.78 -11.57
CA SER A 208 -12.01 7.05 -10.84
C SER A 208 -13.14 6.60 -11.75
N ASN A 209 -13.34 5.30 -11.80
CA ASN A 209 -14.56 4.72 -12.36
C ASN A 209 -15.04 3.68 -11.37
N ASP A 210 -16.36 3.55 -11.22
CA ASP A 210 -16.94 2.66 -10.22
C ASP A 210 -16.78 3.27 -8.83
N GLY A 211 -16.32 4.52 -8.80
CA GLY A 211 -16.04 5.20 -7.55
C GLY A 211 -14.69 4.80 -6.98
N GLU A 212 -13.88 4.14 -7.80
CA GLU A 212 -12.60 3.61 -7.35
C GLU A 212 -11.60 4.69 -6.94
N THR A 213 -10.87 4.42 -5.87
CA THR A 213 -9.71 5.22 -5.51
C THR A 213 -8.46 4.39 -5.74
N PRO A 214 -7.64 4.79 -6.73
CA PRO A 214 -6.42 4.03 -7.01
C PRO A 214 -5.51 3.98 -5.78
N GLU A 215 -4.83 2.86 -5.61
CA GLU A 215 -4.00 2.64 -4.45
C GLU A 215 -2.64 2.08 -4.86
N GLY A 216 -1.59 2.86 -4.61
CA GLY A 216 -0.24 2.44 -4.91
C GLY A 216 0.09 2.47 -6.38
N ILE A 217 -0.32 3.54 -7.07
CA ILE A 217 -0.02 3.69 -8.49
C ILE A 217 0.46 5.09 -8.80
N GLY A 218 1.76 5.29 -8.70
CA GLY A 218 2.38 6.57 -9.01
C GLY A 218 3.37 6.43 -10.15
N PHE A 219 3.71 7.55 -10.78
CA PHE A 219 4.59 7.54 -11.93
C PHE A 219 5.78 8.49 -11.73
N ALA A 220 6.96 8.05 -12.15
CA ALA A 220 8.17 8.84 -12.02
C ALA A 220 9.00 8.77 -13.30
N ILE A 221 9.58 9.89 -13.70
CA ILE A 221 10.43 9.93 -14.88
C ILE A 221 11.81 9.38 -14.54
N PRO A 222 12.23 8.31 -15.24
CA PRO A 222 13.49 7.63 -14.96
C PRO A 222 14.67 8.60 -14.94
N PHE A 223 15.71 8.28 -14.18
CA PHE A 223 16.83 9.19 -13.99
C PHE A 223 17.65 9.39 -15.27
N GLN A 224 17.85 8.33 -16.03
CA GLN A 224 18.58 8.41 -17.29
C GLN A 224 17.85 9.38 -18.22
N LEU A 225 16.54 9.17 -18.37
CA LEU A 225 15.71 10.09 -19.13
C LEU A 225 15.79 11.48 -18.49
N ALA A 226 15.60 11.54 -17.18
CA ALA A 226 15.64 12.80 -16.46
C ALA A 226 16.95 13.56 -16.69
N THR A 227 18.07 12.87 -16.56
CA THR A 227 19.38 13.48 -16.78
C THR A 227 19.46 14.04 -18.20
N LYS A 228 19.01 13.25 -19.15
CA LYS A 228 19.06 13.62 -20.56
C LYS A 228 18.31 14.92 -20.83
N ILE A 229 17.11 15.05 -20.28
CA ILE A 229 16.28 16.23 -20.48
C ILE A 229 16.92 17.45 -19.85
N MET A 230 17.46 17.25 -18.66
CA MET A 230 18.13 18.31 -17.91
C MET A 230 19.18 19.00 -18.77
N ASP A 231 20.09 18.20 -19.33
CA ASP A 231 21.17 18.72 -20.15
C ASP A 231 20.67 19.50 -21.37
N LYS A 232 19.68 18.95 -22.06
CA LYS A 232 19.06 19.64 -23.19
C LYS A 232 18.45 20.97 -22.74
N LEU A 233 18.17 21.08 -21.46
CA LEU A 233 17.63 22.32 -20.89
C LEU A 233 18.74 23.24 -20.38
N ILE A 234 19.80 22.66 -19.85
CA ILE A 234 20.94 23.45 -19.41
C ILE A 234 21.66 24.01 -20.63
N ARG A 235 21.82 23.16 -21.63
CA ARG A 235 22.44 23.54 -22.88
C ARG A 235 21.56 24.57 -23.61
N ASP A 236 20.26 24.34 -23.61
CA ASP A 236 19.30 25.25 -24.25
C ASP A 236 18.12 25.50 -23.33
N GLY A 237 17.50 26.66 -23.43
CA GLY A 237 16.36 26.97 -22.60
C GLY A 237 15.12 26.19 -23.00
N ARG A 238 15.32 24.99 -23.53
CA ARG A 238 14.23 24.13 -23.99
C ARG A 238 14.75 22.80 -24.50
N VAL A 239 13.85 21.97 -25.01
CA VAL A 239 14.23 20.68 -25.61
C VAL A 239 13.79 20.64 -27.06
N ILE A 240 14.73 20.33 -27.95
CA ILE A 240 14.42 20.21 -29.37
C ILE A 240 14.38 18.75 -29.80
N ARG A 241 13.31 18.38 -30.48
CA ARG A 241 13.18 17.02 -31.00
C ARG A 241 12.78 17.06 -32.46
N GLY A 242 13.19 16.04 -33.20
CA GLY A 242 12.85 15.95 -34.60
C GLY A 242 11.35 15.85 -34.81
N TYR A 243 10.85 16.59 -35.80
CA TYR A 243 9.45 16.55 -36.16
C TYR A 243 9.31 16.15 -37.62
N ILE A 244 8.19 15.52 -37.97
CA ILE A 244 8.03 14.97 -39.31
C ILE A 244 6.66 15.27 -39.91
N GLY A 245 5.86 16.06 -39.21
CA GLY A 245 4.55 16.47 -39.72
C GLY A 245 3.65 15.30 -40.08
N ILE A 246 3.51 14.35 -39.17
CA ILE A 246 2.72 13.16 -39.43
C ILE A 246 2.03 12.61 -38.18
N GLY A 247 0.78 12.18 -38.35
CA GLY A 247 0.04 11.54 -37.29
C GLY A 247 -0.53 10.22 -37.77
N GLY A 248 0.02 9.11 -37.29
CA GLY A 248 -0.39 7.80 -37.75
C GLY A 248 -0.70 6.80 -36.65
N ARG A 249 -1.13 5.61 -37.06
CA ARG A 249 -1.46 4.54 -36.12
C ARG A 249 -0.96 3.19 -36.65
N GLU A 250 -0.65 2.29 -35.73
CA GLU A 250 -0.14 0.98 -36.10
C GLU A 250 -1.17 0.19 -36.92
N GLN A 265 3.93 -5.44 -41.16
CA GLN A 265 3.60 -4.35 -40.25
C GLN A 265 3.87 -2.99 -40.88
N GLY A 266 3.40 -1.94 -40.23
CA GLY A 266 3.60 -0.58 -40.72
C GLY A 266 2.89 0.47 -39.90
N ILE A 267 2.98 1.72 -40.34
CA ILE A 267 2.34 2.83 -39.64
C ILE A 267 1.66 3.78 -40.63
N VAL A 268 0.33 3.70 -40.69
CA VAL A 268 -0.45 4.56 -41.58
C VAL A 268 -0.26 6.03 -41.21
N VAL A 269 -0.76 6.93 -42.06
CA VAL A 269 -0.64 8.36 -41.82
C VAL A 269 -1.99 9.07 -41.91
N ASN A 270 -2.70 9.14 -40.80
CA ASN A 270 -4.01 9.78 -40.76
C ASN A 270 -3.93 11.28 -41.03
N GLU A 271 -2.94 11.93 -40.43
CA GLU A 271 -2.78 13.37 -40.55
C GLU A 271 -1.39 13.75 -41.04
N VAL A 272 -1.33 14.74 -41.93
CA VAL A 272 -0.06 15.23 -42.45
C VAL A 272 0.03 16.74 -42.29
N SER A 273 0.79 17.17 -41.28
CA SER A 273 0.92 18.59 -40.97
C SER A 273 1.30 19.42 -42.18
N PRO A 274 0.53 20.49 -42.44
CA PRO A 274 0.75 21.40 -43.57
C PRO A 274 2.12 22.07 -43.50
N ASP A 275 2.81 22.14 -44.63
CA ASP A 275 4.14 22.77 -44.69
C ASP A 275 5.12 22.10 -43.74
N GLY A 276 4.76 20.91 -43.26
CA GLY A 276 5.63 20.15 -42.38
C GLY A 276 6.70 19.40 -43.15
N PRO A 277 7.62 18.75 -42.43
CA PRO A 277 8.72 17.98 -43.03
C PRO A 277 8.21 16.97 -44.07
N ALA A 278 7.15 16.24 -43.71
CA ALA A 278 6.59 15.24 -44.60
C ALA A 278 5.71 15.88 -45.66
N ALA A 279 5.21 17.07 -45.38
CA ALA A 279 4.37 17.79 -46.33
C ALA A 279 5.17 18.16 -47.57
N ASN A 280 6.36 18.72 -47.35
CA ASN A 280 7.25 19.08 -48.46
C ASN A 280 7.83 17.84 -49.13
N ALA A 281 7.82 16.73 -48.41
CA ALA A 281 8.32 15.47 -48.94
C ALA A 281 7.30 14.81 -49.87
N GLY A 282 6.05 15.25 -49.78
CA GLY A 282 5.00 14.76 -50.65
C GLY A 282 4.25 13.58 -50.08
N ILE A 283 4.52 13.24 -48.82
CA ILE A 283 3.84 12.13 -48.17
C ILE A 283 2.34 12.39 -48.05
N GLN A 284 1.54 11.50 -48.63
CA GLN A 284 0.09 11.67 -48.62
C GLN A 284 -0.56 11.01 -47.40
N VAL A 285 -1.89 11.06 -47.37
CA VAL A 285 -2.65 10.45 -46.30
C VAL A 285 -3.06 9.03 -46.69
N ASN A 286 -3.24 8.16 -45.69
CA ASN A 286 -3.66 6.77 -45.91
C ASN A 286 -2.55 5.86 -46.43
N ASP A 287 -1.35 6.41 -46.59
CA ASP A 287 -0.21 5.61 -47.04
C ASP A 287 0.51 4.98 -45.86
N LEU A 288 0.92 3.72 -46.03
CA LEU A 288 1.55 2.96 -44.95
C LEU A 288 3.05 3.17 -44.91
N ILE A 289 3.60 3.37 -43.72
CA ILE A 289 5.04 3.54 -43.54
C ILE A 289 5.68 2.24 -43.06
N ILE A 290 6.84 1.89 -43.60
CA ILE A 290 7.53 0.65 -43.21
C ILE A 290 8.71 0.90 -42.31
N SER A 291 9.62 1.75 -42.75
CA SER A 291 10.85 2.01 -42.01
C SER A 291 11.23 3.49 -42.02
N VAL A 292 11.91 3.93 -40.97
CA VAL A 292 12.34 5.31 -40.85
C VAL A 292 13.80 5.39 -40.43
N ASP A 293 14.60 6.07 -41.25
CA ASP A 293 16.03 6.23 -40.97
C ASP A 293 16.71 4.87 -40.79
N ASN A 294 16.49 3.98 -41.74
CA ASN A 294 17.11 2.66 -41.73
C ASN A 294 16.58 1.74 -40.63
N LYS A 295 15.74 2.30 -39.75
CA LYS A 295 15.16 1.53 -38.66
C LYS A 295 13.70 1.22 -38.95
N PRO A 296 13.37 -0.08 -39.04
CA PRO A 296 12.00 -0.53 -39.32
C PRO A 296 11.01 0.11 -38.36
N ALA A 297 9.77 0.29 -38.82
CA ALA A 297 8.74 0.94 -38.01
C ALA A 297 7.71 -0.07 -37.49
N ILE A 298 8.13 -0.88 -36.53
CA ILE A 298 7.24 -1.86 -35.92
C ILE A 298 6.27 -1.19 -34.95
N SER A 299 6.82 -0.55 -33.93
CA SER A 299 6.00 0.11 -32.92
C SER A 299 5.94 1.62 -33.15
N ALA A 300 4.74 2.18 -33.11
CA ALA A 300 4.54 3.60 -33.34
C ALA A 300 4.95 4.43 -32.13
N LEU A 301 5.55 3.76 -31.14
CA LEU A 301 6.01 4.44 -29.93
C LEU A 301 7.54 4.50 -29.89
N GLU A 302 8.18 3.38 -30.23
CA GLU A 302 9.63 3.32 -30.27
C GLU A 302 10.17 4.14 -31.45
N THR A 303 9.29 4.43 -32.39
CA THR A 303 9.66 5.19 -33.57
C THR A 303 9.57 6.70 -33.33
N MET A 304 8.48 7.13 -32.72
CA MET A 304 8.27 8.55 -32.42
C MET A 304 9.30 9.06 -31.43
N ALA A 305 10.04 8.13 -30.82
CA ALA A 305 11.12 8.47 -29.91
C ALA A 305 12.43 8.65 -30.68
N GLN A 306 12.61 7.82 -31.69
CA GLN A 306 13.79 7.92 -32.56
C GLN A 306 13.77 9.23 -33.34
N VAL A 307 12.62 9.57 -33.89
CA VAL A 307 12.46 10.80 -34.65
C VAL A 307 12.77 12.02 -33.78
N ALA A 308 12.50 11.90 -32.49
CA ALA A 308 12.76 12.98 -31.55
C ALA A 308 14.26 13.16 -31.33
N GLU A 309 15.02 12.09 -31.53
CA GLU A 309 16.47 12.11 -31.33
C GLU A 309 17.18 12.80 -32.48
N ILE A 310 16.70 12.56 -33.69
CA ILE A 310 17.30 13.13 -34.90
C ILE A 310 17.33 14.66 -34.84
N ARG A 311 18.54 15.22 -34.86
CA ARG A 311 18.70 16.67 -34.83
C ARG A 311 18.00 17.32 -36.02
N PRO A 312 17.13 18.31 -35.73
CA PRO A 312 16.39 19.04 -36.77
C PRO A 312 17.30 19.55 -37.87
N GLY A 313 16.98 19.19 -39.10
CA GLY A 313 17.78 19.58 -40.25
C GLY A 313 18.29 18.34 -40.98
N SER A 314 18.67 17.33 -40.21
CA SER A 314 19.21 16.10 -40.75
C SER A 314 18.28 15.48 -41.80
N VAL A 315 18.87 14.79 -42.77
CA VAL A 315 18.10 14.16 -43.84
C VAL A 315 18.09 12.64 -43.64
N ILE A 316 16.90 12.06 -43.68
CA ILE A 316 16.74 10.62 -43.43
C ILE A 316 15.86 9.94 -44.46
N PRO A 317 16.06 8.63 -44.66
CA PRO A 317 15.25 7.79 -45.55
C PRO A 317 13.97 7.31 -44.88
N VAL A 318 12.86 7.33 -45.60
CA VAL A 318 11.58 6.87 -45.07
C VAL A 318 10.84 6.02 -46.10
N VAL A 319 10.81 4.71 -45.88
CA VAL A 319 10.16 3.79 -46.80
C VAL A 319 8.66 3.68 -46.51
N VAL A 320 7.85 3.68 -47.57
CA VAL A 320 6.40 3.59 -47.42
C VAL A 320 5.76 2.69 -48.48
N MET A 321 4.78 1.88 -48.07
CA MET A 321 4.05 1.01 -48.98
C MET A 321 2.77 1.69 -49.45
N ARG A 322 2.81 2.28 -50.63
CA ARG A 322 1.64 2.93 -51.19
C ARG A 322 1.18 2.19 -52.44
N ASP A 323 -0.10 1.85 -52.48
CA ASP A 323 -0.67 1.12 -53.61
C ASP A 323 0.08 -0.17 -53.87
N ASP A 324 0.60 -0.77 -52.81
CA ASP A 324 1.35 -2.02 -52.90
C ASP A 324 2.73 -1.81 -53.55
N LYS A 325 3.33 -0.66 -53.31
CA LYS A 325 4.64 -0.35 -53.87
C LYS A 325 5.57 0.27 -52.83
N GLN A 326 6.86 -0.05 -52.94
CA GLN A 326 7.86 0.48 -52.01
C GLN A 326 8.45 1.78 -52.53
N LEU A 327 8.40 2.83 -51.71
CA LEU A 327 8.91 4.14 -52.09
C LEU A 327 9.81 4.72 -51.02
N THR A 328 11.12 4.74 -51.29
CA THR A 328 12.07 5.35 -50.35
C THR A 328 12.16 6.86 -50.57
N LEU A 329 11.66 7.62 -49.61
CA LEU A 329 11.61 9.07 -49.73
C LEU A 329 12.77 9.76 -49.00
N GLN A 330 12.98 11.03 -49.30
CA GLN A 330 13.96 11.85 -48.61
C GLN A 330 13.26 13.00 -47.88
N VAL A 331 13.41 13.04 -46.56
CA VAL A 331 12.75 14.06 -45.75
C VAL A 331 13.74 14.80 -44.85
N THR A 332 13.64 16.12 -44.85
CA THR A 332 14.48 16.94 -43.98
C THR A 332 13.74 17.17 -42.66
N ILE A 333 14.30 16.65 -41.58
CA ILE A 333 13.69 16.78 -40.26
C ILE A 333 13.75 18.23 -39.77
N GLN A 334 12.67 18.69 -39.15
CA GLN A 334 12.64 20.03 -38.57
C GLN A 334 12.36 19.93 -37.08
N GLU A 335 12.59 21.02 -36.35
CA GLU A 335 12.32 21.02 -34.92
C GLU A 335 10.82 21.03 -34.68
N TYR A 336 10.40 20.43 -33.57
CA TYR A 336 8.98 20.35 -33.24
C TYR A 336 8.40 21.74 -33.01
N PRO A 337 7.18 21.99 -33.52
CA PRO A 337 6.46 23.25 -33.27
C PRO A 337 6.52 23.66 -31.79
N ALA A 338 6.78 24.95 -31.57
CA ALA A 338 7.06 25.51 -30.25
C ALA A 338 6.26 24.79 -29.14
N PHE B 22 14.22 -23.96 -11.55
CA PHE B 22 14.61 -23.50 -10.22
C PHE B 22 13.72 -24.12 -9.15
N ASP B 23 14.30 -24.45 -8.01
CA ASP B 23 13.55 -24.97 -6.87
C ASP B 23 13.71 -24.03 -5.67
N SER B 24 12.60 -23.61 -5.10
CA SER B 24 12.62 -22.66 -3.99
C SER B 24 12.32 -23.31 -2.64
N THR B 25 12.11 -24.62 -2.63
CA THR B 25 11.87 -25.35 -1.38
C THR B 25 13.01 -25.12 -0.39
N ASP B 26 14.24 -25.15 -0.89
CA ASP B 26 15.41 -24.87 -0.07
C ASP B 26 15.44 -23.41 0.38
N GLU B 27 14.96 -22.52 -0.49
CA GLU B 27 14.99 -21.09 -0.22
C GLU B 27 14.06 -20.67 0.92
N THR B 28 14.36 -19.53 1.52
CA THR B 28 13.53 -18.97 2.58
C THR B 28 12.97 -17.62 2.16
N PRO B 29 11.65 -17.44 2.32
CA PRO B 29 11.00 -16.21 1.86
C PRO B 29 11.25 -15.05 2.82
N ALA B 30 11.49 -13.87 2.27
CA ALA B 30 11.65 -12.67 3.09
C ALA B 30 10.41 -12.47 3.93
N SER B 31 10.56 -12.59 5.24
CA SER B 31 9.40 -12.50 6.14
C SER B 31 9.69 -11.74 7.42
N TYR B 32 8.75 -10.88 7.80
CA TYR B 32 8.81 -10.17 9.07
C TYR B 32 7.97 -10.90 10.11
N ASN B 33 7.77 -12.20 9.89
CA ASN B 33 7.01 -13.03 10.83
C ASN B 33 7.67 -13.03 12.20
N LEU B 34 8.99 -12.89 12.23
CA LEU B 34 9.72 -12.83 13.49
C LEU B 34 9.15 -11.71 14.35
N ALA B 35 9.11 -10.50 13.80
CA ALA B 35 8.55 -9.35 14.51
C ALA B 35 7.11 -9.64 14.93
N VAL B 36 6.41 -10.41 14.10
CA VAL B 36 5.01 -10.72 14.35
C VAL B 36 4.83 -11.64 15.56
N ARG B 37 5.52 -12.78 15.55
CA ARG B 37 5.44 -13.72 16.65
C ARG B 37 5.89 -13.06 17.96
N ARG B 38 6.75 -12.05 17.83
CA ARG B 38 7.28 -11.34 18.99
C ARG B 38 6.31 -10.27 19.51
N ALA B 39 5.83 -9.44 18.60
CA ALA B 39 5.03 -8.28 18.97
C ALA B 39 3.53 -8.55 19.00
N ALA B 40 3.03 -9.16 17.93
CA ALA B 40 1.58 -9.37 17.76
C ALA B 40 0.85 -9.86 19.02
N PRO B 41 1.35 -10.95 19.64
CA PRO B 41 0.63 -11.50 20.79
C PRO B 41 0.43 -10.49 21.91
N ALA B 42 1.21 -9.42 21.90
CA ALA B 42 1.11 -8.38 22.93
C ALA B 42 0.12 -7.29 22.56
N VAL B 43 -0.19 -7.20 21.26
CA VAL B 43 -1.17 -6.23 20.80
C VAL B 43 -2.57 -6.80 20.94
N VAL B 44 -3.44 -6.03 21.58
CA VAL B 44 -4.78 -6.51 21.91
C VAL B 44 -5.85 -5.74 21.16
N ASN B 45 -7.04 -6.34 21.03
CA ASN B 45 -8.18 -5.68 20.42
C ASN B 45 -9.01 -4.96 21.47
N VAL B 46 -9.04 -3.64 21.37
CA VAL B 46 -9.82 -2.83 22.30
C VAL B 46 -11.21 -2.57 21.76
N TYR B 47 -12.21 -2.72 22.62
CA TYR B 47 -13.59 -2.49 22.22
C TYR B 47 -14.26 -1.51 23.18
N ASN B 48 -14.45 -0.29 22.70
CA ASN B 48 -15.21 0.72 23.43
C ASN B 48 -16.70 0.41 23.30
N ARG B 49 -17.29 -0.08 24.38
CA ARG B 49 -18.70 -0.46 24.36
C ARG B 49 -19.55 0.38 25.31
N GLY B 50 -20.71 0.80 24.83
CA GLY B 50 -21.63 1.57 25.64
C GLY B 50 -23.06 1.14 25.42
N LEU B 51 -23.86 1.16 26.48
CA LEU B 51 -25.28 0.85 26.38
C LEU B 51 -25.95 1.87 25.47
N ASN B 52 -26.80 1.39 24.56
CA ASN B 52 -27.53 2.30 23.68
C ASN B 52 -28.77 2.87 24.34
N THR B 53 -28.63 4.02 24.97
CA THR B 53 -29.76 4.69 25.59
C THR B 53 -30.79 5.10 24.55
N ASN B 54 -30.33 5.41 23.35
CA ASN B 54 -31.20 5.82 22.25
C ASN B 54 -32.19 4.73 21.88
N SER B 55 -31.72 3.49 21.88
CA SER B 55 -32.58 2.35 21.57
C SER B 55 -33.09 1.72 22.86
N HIS B 56 -32.60 0.52 23.17
CA HIS B 56 -33.10 -0.22 24.31
C HIS B 56 -32.01 -0.65 25.29
N ASN B 57 -30.96 0.15 25.39
CA ASN B 57 -29.87 -0.10 26.33
C ASN B 57 -29.04 -1.32 26.00
N GLN B 58 -29.16 -1.79 24.76
CA GLN B 58 -28.35 -2.91 24.32
C GLN B 58 -26.89 -2.47 24.21
N LEU B 59 -25.98 -3.35 24.63
CA LEU B 59 -24.55 -3.05 24.52
C LEU B 59 -24.11 -3.05 23.07
N GLU B 60 -23.46 -1.96 22.67
CA GLU B 60 -22.97 -1.83 21.30
C GLU B 60 -21.54 -1.29 21.31
N ILE B 61 -20.82 -1.56 20.23
CA ILE B 61 -19.46 -1.07 20.09
C ILE B 61 -19.45 0.34 19.50
N ARG B 62 -19.32 1.34 20.37
CA ARG B 62 -19.23 2.72 19.92
C ARG B 62 -17.96 2.90 19.08
N THR B 63 -16.86 2.34 19.57
CA THR B 63 -15.58 2.46 18.88
C THR B 63 -14.74 1.22 19.12
N LEU B 64 -13.94 0.85 18.12
CA LEU B 64 -12.97 -0.22 18.30
C LEU B 64 -11.59 0.22 17.83
N GLY B 65 -10.59 -0.07 18.65
CA GLY B 65 -9.22 0.23 18.31
C GLY B 65 -8.33 -0.92 18.75
N SER B 66 -7.06 -0.61 18.98
CA SER B 66 -6.13 -1.61 19.47
C SER B 66 -5.50 -1.17 20.78
N GLY B 67 -4.72 -2.06 21.37
CA GLY B 67 -3.99 -1.76 22.59
C GLY B 67 -2.69 -2.53 22.60
N VAL B 68 -1.77 -2.12 23.45
CA VAL B 68 -0.49 -2.79 23.57
C VAL B 68 -0.21 -3.12 25.02
N ILE B 69 -0.05 -4.40 25.32
CA ILE B 69 0.30 -4.82 26.67
C ILE B 69 1.76 -4.52 26.92
N MET B 70 2.03 -3.65 27.89
CA MET B 70 3.37 -3.13 28.11
C MET B 70 4.14 -3.92 29.17
N ASP B 71 3.43 -4.46 30.15
CA ASP B 71 4.08 -5.28 31.18
C ASP B 71 3.19 -6.42 31.70
N GLN B 72 3.82 -7.36 32.38
CA GLN B 72 3.15 -8.56 32.88
C GLN B 72 1.99 -8.25 33.83
N ARG B 73 2.04 -7.08 34.46
CA ARG B 73 1.02 -6.67 35.40
C ARG B 73 -0.34 -6.49 34.71
N GLY B 74 -0.30 -6.27 33.40
CA GLY B 74 -1.52 -6.15 32.62
C GLY B 74 -1.86 -4.72 32.25
N TYR B 75 -0.86 -3.85 32.30
CA TYR B 75 -1.05 -2.46 31.91
C TYR B 75 -0.95 -2.32 30.39
N ILE B 76 -2.06 -1.90 29.77
CA ILE B 76 -2.14 -1.79 28.32
C ILE B 76 -2.19 -0.33 27.89
N ILE B 77 -1.40 0.03 26.89
CA ILE B 77 -1.45 1.36 26.31
C ILE B 77 -2.39 1.38 25.10
N THR B 78 -3.14 2.46 24.97
CA THR B 78 -4.05 2.65 23.85
C THR B 78 -4.28 4.13 23.62
N ASN B 79 -5.10 4.46 22.63
CA ASN B 79 -5.44 5.85 22.38
C ASN B 79 -6.64 6.28 23.22
N LYS B 80 -6.56 7.48 23.77
CA LYS B 80 -7.66 8.00 24.57
C LYS B 80 -8.92 8.09 23.72
N HIS B 81 -8.74 8.42 22.45
CA HIS B 81 -9.87 8.60 21.55
C HIS B 81 -10.57 7.28 21.24
N VAL B 82 -9.95 6.18 21.64
CA VAL B 82 -10.50 4.86 21.42
C VAL B 82 -11.40 4.44 22.59
N ILE B 83 -11.16 5.02 23.76
CA ILE B 83 -11.90 4.64 24.96
C ILE B 83 -12.78 5.75 25.52
N ASN B 84 -12.81 6.89 24.83
CA ASN B 84 -13.68 7.99 25.25
C ASN B 84 -15.15 7.60 25.27
N ASP B 85 -15.88 8.10 26.27
CA ASP B 85 -17.31 7.86 26.40
C ASP B 85 -17.64 6.37 26.41
N ALA B 86 -16.69 5.56 26.88
CA ALA B 86 -16.87 4.12 26.97
C ALA B 86 -17.56 3.72 28.27
N ASP B 87 -18.74 3.13 28.15
CA ASP B 87 -19.43 2.60 29.31
C ASP B 87 -18.74 1.32 29.76
N GLN B 88 -18.08 0.65 28.82
CA GLN B 88 -17.33 -0.55 29.11
C GLN B 88 -16.17 -0.70 28.12
N ILE B 89 -15.01 -1.07 28.64
CA ILE B 89 -13.83 -1.27 27.81
C ILE B 89 -13.43 -2.74 27.79
N ILE B 90 -13.70 -3.40 26.68
CA ILE B 90 -13.38 -4.82 26.54
C ILE B 90 -12.07 -5.02 25.80
N VAL B 91 -11.14 -5.72 26.44
CA VAL B 91 -9.85 -6.03 25.83
C VAL B 91 -9.80 -7.51 25.45
N ALA B 92 -9.58 -7.77 24.16
CA ALA B 92 -9.48 -9.14 23.67
C ALA B 92 -8.05 -9.45 23.22
N LEU B 93 -7.50 -10.55 23.74
CA LEU B 93 -6.18 -11.01 23.35
C LEU B 93 -6.30 -11.98 22.19
N GLN B 94 -5.27 -12.04 21.36
CA GLN B 94 -5.28 -12.91 20.19
C GLN B 94 -5.33 -14.38 20.59
N ASP B 95 -5.03 -14.66 21.86
CA ASP B 95 -5.09 -16.02 22.37
C ASP B 95 -6.50 -16.38 22.79
N GLY B 96 -7.45 -15.49 22.49
CA GLY B 96 -8.85 -15.74 22.77
C GLY B 96 -9.37 -15.03 24.01
N ARG B 97 -8.52 -14.94 25.03
CA ARG B 97 -8.94 -14.35 26.30
C ARG B 97 -9.57 -12.98 26.14
N VAL B 98 -10.57 -12.71 26.99
CA VAL B 98 -11.27 -11.43 26.96
C VAL B 98 -11.40 -10.88 28.38
N PHE B 99 -11.01 -9.63 28.56
CA PHE B 99 -11.04 -9.01 29.87
C PHE B 99 -11.85 -7.72 29.85
N GLU B 100 -12.40 -7.36 31.01
CA GLU B 100 -12.99 -6.04 31.19
C GLU B 100 -11.91 -5.12 31.73
N ALA B 101 -11.31 -4.34 30.84
CA ALA B 101 -10.21 -3.47 31.22
C ALA B 101 -10.68 -2.30 32.06
N LEU B 102 -9.87 -1.97 33.07
CA LEU B 102 -10.10 -0.79 33.89
C LEU B 102 -9.29 0.37 33.33
N LEU B 103 -9.87 1.55 33.32
CA LEU B 103 -9.16 2.73 32.83
C LEU B 103 -8.24 3.30 33.91
N VAL B 104 -6.97 2.93 33.85
CA VAL B 104 -5.98 3.38 34.82
C VAL B 104 -5.82 4.90 34.73
N GLY B 105 -5.82 5.42 33.51
CA GLY B 105 -5.68 6.84 33.28
C GLY B 105 -5.52 7.15 31.81
N SER B 106 -5.68 8.42 31.45
CA SER B 106 -5.51 8.85 30.08
C SER B 106 -4.87 10.23 30.00
N ASP B 107 -4.49 10.63 28.80
CA ASP B 107 -3.89 11.95 28.58
C ASP B 107 -4.32 12.50 27.23
N SER B 108 -5.09 13.57 27.26
CA SER B 108 -5.60 14.18 26.04
C SER B 108 -4.46 14.68 25.15
N LEU B 109 -3.46 15.30 25.77
CA LEU B 109 -2.35 15.88 25.01
C LEU B 109 -1.65 14.83 24.15
N THR B 110 -1.22 13.73 24.74
CA THR B 110 -0.55 12.68 23.97
C THR B 110 -1.53 11.66 23.40
N ASP B 111 -2.82 11.87 23.66
CA ASP B 111 -3.86 10.96 23.21
C ASP B 111 -3.56 9.52 23.62
N LEU B 112 -2.89 9.37 24.77
CA LEU B 112 -2.57 8.05 25.29
C LEU B 112 -3.49 7.70 26.46
N ALA B 113 -3.69 6.40 26.67
CA ALA B 113 -4.53 5.93 27.76
C ALA B 113 -4.02 4.58 28.24
N VAL B 114 -3.98 4.39 29.54
CA VAL B 114 -3.54 3.12 30.11
C VAL B 114 -4.70 2.32 30.66
N LEU B 115 -4.78 1.05 30.26
CA LEU B 115 -5.80 0.14 30.75
C LEU B 115 -5.15 -0.90 31.66
N LYS B 116 -5.96 -1.58 32.45
CA LYS B 116 -5.46 -2.63 33.33
C LYS B 116 -6.38 -3.84 33.28
N ILE B 117 -5.79 -5.03 33.19
CA ILE B 117 -6.57 -6.25 33.12
C ILE B 117 -6.13 -7.25 34.18
N ASN B 118 -7.09 -7.68 35.00
CA ASN B 118 -6.80 -8.60 36.10
C ASN B 118 -6.68 -10.06 35.66
N ALA B 119 -5.61 -10.38 34.94
CA ALA B 119 -5.37 -11.74 34.50
C ALA B 119 -4.73 -12.57 35.61
N THR B 120 -5.44 -13.60 36.06
CA THR B 120 -4.89 -14.51 37.05
C THR B 120 -3.59 -15.11 36.55
N GLY B 121 -3.61 -15.60 35.32
CA GLY B 121 -2.40 -16.11 34.68
C GLY B 121 -1.52 -14.97 34.22
N GLY B 122 -0.53 -15.31 33.40
CA GLY B 122 0.36 -14.30 32.84
C GLY B 122 -0.23 -13.75 31.55
N LEU B 123 0.56 -12.95 30.85
CA LEU B 123 0.13 -12.39 29.57
C LEU B 123 1.31 -11.88 28.75
N PRO B 124 1.14 -11.81 27.42
CA PRO B 124 2.24 -11.39 26.54
C PRO B 124 2.56 -9.92 26.72
N THR B 125 3.83 -9.55 26.55
CA THR B 125 4.22 -8.16 26.59
C THR B 125 4.88 -7.75 25.28
N ILE B 126 4.80 -6.47 24.96
CA ILE B 126 5.39 -5.95 23.74
C ILE B 126 6.90 -5.79 23.92
N PRO B 127 7.69 -6.35 23.00
CA PRO B 127 9.14 -6.20 23.05
C PRO B 127 9.52 -4.72 23.04
N ILE B 128 10.14 -4.26 24.12
CA ILE B 128 10.55 -2.86 24.22
C ILE B 128 12.06 -2.75 24.40
N ASN B 129 12.69 -2.00 23.50
CA ASN B 129 14.12 -1.74 23.59
C ASN B 129 14.38 -0.26 23.78
N ALA B 130 14.55 0.14 25.04
CA ALA B 130 14.70 1.56 25.38
C ALA B 130 15.87 2.22 24.67
N ARG B 131 16.98 1.48 24.54
CA ARG B 131 18.18 2.04 23.92
C ARG B 131 18.10 2.05 22.39
N ARG B 132 16.99 1.57 21.86
CA ARG B 132 16.79 1.54 20.41
C ARG B 132 16.35 2.91 19.88
N VAL B 133 17.06 3.41 18.87
CA VAL B 133 16.71 4.69 18.27
C VAL B 133 16.13 4.49 16.88
N PRO B 134 14.84 4.82 16.72
CA PRO B 134 14.14 4.69 15.43
C PRO B 134 14.74 5.60 14.37
N HIS B 135 15.05 5.04 13.22
CA HIS B 135 15.64 5.83 12.12
C HIS B 135 14.67 5.95 10.96
N ILE B 136 14.70 7.10 10.29
CA ILE B 136 13.92 7.30 9.08
C ILE B 136 14.36 6.30 8.02
N GLY B 137 13.47 5.38 7.68
CA GLY B 137 13.79 4.33 6.72
C GLY B 137 13.64 2.96 7.35
N ASP B 138 13.64 2.91 8.67
CA ASP B 138 13.44 1.67 9.40
C ASP B 138 12.14 1.00 8.95
N VAL B 139 12.24 -0.23 8.49
CA VAL B 139 11.05 -1.00 8.18
C VAL B 139 10.22 -1.15 9.45
N VAL B 140 8.94 -0.81 9.37
CA VAL B 140 8.04 -0.93 10.51
C VAL B 140 6.82 -1.79 10.17
N LEU B 141 6.23 -2.36 11.21
CA LEU B 141 5.01 -3.14 11.06
C LEU B 141 3.93 -2.59 11.99
N ALA B 142 2.77 -2.29 11.44
CA ALA B 142 1.63 -1.84 12.23
C ALA B 142 0.77 -3.03 12.63
N ILE B 143 0.45 -3.10 13.92
CA ILE B 143 -0.36 -4.19 14.43
C ILE B 143 -1.62 -3.63 15.08
N GLY B 144 -2.77 -3.97 14.51
CA GLY B 144 -4.04 -3.47 15.02
C GLY B 144 -5.23 -4.25 14.52
N ASN B 145 -6.41 -3.68 14.73
CA ASN B 145 -7.66 -4.35 14.37
C ASN B 145 -8.51 -3.46 13.47
N PRO B 146 -8.06 -3.26 12.22
CA PRO B 146 -8.77 -2.37 11.28
C PRO B 146 -10.14 -2.93 10.93
N TYR B 147 -11.17 -2.13 11.12
CA TYR B 147 -12.52 -2.54 10.74
C TYR B 147 -12.92 -3.85 11.42
N ASN B 148 -12.31 -4.14 12.55
CA ASN B 148 -12.59 -5.35 13.32
C ASN B 148 -12.43 -6.63 12.50
N LEU B 149 -11.64 -6.58 11.43
CA LEU B 149 -11.36 -7.76 10.64
C LEU B 149 -10.61 -8.78 11.48
N GLY B 150 -9.93 -8.29 12.50
CA GLY B 150 -9.05 -9.11 13.32
C GLY B 150 -7.66 -8.54 13.25
N GLN B 151 -6.75 -9.08 14.06
CA GLN B 151 -5.40 -8.54 14.13
C GLN B 151 -4.72 -8.50 12.76
N THR B 152 -4.53 -7.29 12.24
CA THR B 152 -3.97 -7.08 10.92
C THR B 152 -2.54 -6.54 11.01
N ILE B 153 -1.65 -7.11 10.22
CA ILE B 153 -0.29 -6.62 10.13
C ILE B 153 -0.08 -5.90 8.80
N THR B 154 0.45 -4.69 8.86
CA THR B 154 0.79 -3.96 7.63
C THR B 154 2.23 -3.48 7.71
N GLN B 155 2.92 -3.52 6.58
CA GLN B 155 4.33 -3.14 6.52
C GLN B 155 4.51 -1.76 5.91
N GLY B 156 5.47 -1.02 6.45
CA GLY B 156 5.83 0.28 5.94
C GLY B 156 7.22 0.65 6.40
N ILE B 157 7.52 1.94 6.43
CA ILE B 157 8.77 2.42 6.99
C ILE B 157 8.52 3.70 7.77
N ILE B 158 9.48 4.09 8.59
CA ILE B 158 9.40 5.35 9.30
C ILE B 158 9.66 6.49 8.33
N SER B 159 8.58 7.12 7.86
CA SER B 159 8.68 8.17 6.86
C SER B 159 9.31 9.42 7.44
N ALA B 160 9.21 9.58 8.75
CA ALA B 160 9.64 10.79 9.41
C ALA B 160 9.68 10.64 10.92
N THR B 161 10.24 11.64 11.59
CA THR B 161 10.30 11.65 13.05
C THR B 161 10.00 13.05 13.58
N GLY B 162 9.43 13.10 14.78
CA GLY B 162 9.08 14.36 15.39
C GLY B 162 8.15 15.19 14.54
N ARG B 163 7.15 14.54 13.94
CA ARG B 163 6.25 15.19 12.99
C ARG B 163 5.26 16.16 13.62
N ILE B 164 4.75 15.80 14.80
CA ILE B 164 3.72 16.55 15.53
C ILE B 164 2.29 16.13 15.19
N THR B 169 -1.53 21.01 14.76
CA THR B 169 -0.20 21.32 15.28
C THR B 169 0.03 20.64 16.62
N GLY B 170 0.11 21.44 17.69
CA GLY B 170 0.31 20.93 19.03
C GLY B 170 1.78 20.74 19.35
N ARG B 171 2.05 20.27 20.56
CA ARG B 171 3.42 20.06 21.00
C ARG B 171 3.84 18.60 20.83
N GLN B 172 2.99 17.82 20.18
CA GLN B 172 3.23 16.39 20.10
C GLN B 172 4.34 16.01 19.13
N ASN B 173 4.97 14.87 19.40
CA ASN B 173 6.06 14.36 18.58
C ASN B 173 5.62 13.03 17.97
N PHE B 174 5.67 12.93 16.65
CA PHE B 174 5.15 11.74 15.97
C PHE B 174 6.17 11.04 15.09
N LEU B 175 6.08 9.71 15.05
CA LEU B 175 6.73 8.94 14.00
C LEU B 175 5.75 8.83 12.84
N GLN B 176 6.12 9.41 11.71
CA GLN B 176 5.31 9.25 10.51
C GLN B 176 5.62 7.91 9.87
N THR B 177 4.61 7.28 9.26
CA THR B 177 4.79 5.98 8.63
C THR B 177 3.85 5.78 7.45
N ASP B 178 4.34 5.07 6.45
CA ASP B 178 3.52 4.77 5.28
C ASP B 178 2.91 3.36 5.39
N ALA B 179 3.15 2.71 6.53
CA ALA B 179 2.51 1.43 6.80
C ALA B 179 1.00 1.65 6.83
N SER B 180 0.29 0.96 5.94
CA SER B 180 -1.14 1.17 5.79
C SER B 180 -1.88 1.14 7.12
N ILE B 181 -2.40 2.29 7.52
CA ILE B 181 -3.09 2.43 8.80
C ILE B 181 -4.56 2.74 8.57
N ASN B 182 -5.43 2.08 9.35
CA ASN B 182 -6.87 2.23 9.19
C ASN B 182 -7.61 2.27 10.52
N PRO B 183 -8.87 2.72 10.51
CA PRO B 183 -9.68 2.74 11.74
C PRO B 183 -9.64 1.41 12.46
N GLY B 184 -9.17 1.42 13.70
CA GLY B 184 -9.03 0.19 14.48
C GLY B 184 -7.58 -0.05 14.83
N ASN B 185 -6.68 0.56 14.08
CA ASN B 185 -5.24 0.47 14.37
C ASN B 185 -4.87 1.32 15.57
N MIS B 186 -5.75 2.23 15.95
CA MIS B 186 -5.49 3.20 17.05
CB MIS B 186 -6.71 4.10 17.20
OG MIS B 186 -6.70 4.98 16.08
P MIS B 186 -7.80 4.86 14.93
O1P MIS B 186 -8.58 3.58 15.15
O2P MIS B 186 -8.52 6.18 14.82
O3P MIS B 186 -6.83 4.68 13.66
C1 MIS B 186 -6.68 5.73 12.70
C2 MIS B 186 -5.28 5.62 12.10
C3 MIS B 186 -7.74 5.59 11.61
C MIS B 186 -5.16 2.56 18.36
O MIS B 186 -5.91 1.73 18.86
N GLY B 187 -4.02 2.94 18.92
CA GLY B 187 -3.56 2.37 20.17
C GLY B 187 -2.74 1.12 19.91
N GLY B 188 -2.70 0.71 18.64
CA GLY B 188 -1.95 -0.47 18.24
C GLY B 188 -0.46 -0.24 18.22
N ALA B 189 0.30 -1.32 18.12
CA ALA B 189 1.75 -1.24 18.15
C ALA B 189 2.34 -1.00 16.76
N LEU B 190 3.34 -0.12 16.71
CA LEU B 190 4.16 0.05 15.53
C LEU B 190 5.53 -0.49 15.92
N VAL B 191 6.03 -1.47 15.16
CA VAL B 191 7.28 -2.13 15.53
C VAL B 191 8.29 -2.17 14.38
N ASN B 192 9.53 -2.46 14.73
CA ASN B 192 10.58 -2.60 13.72
C ASN B 192 10.68 -4.05 13.27
N SER B 193 11.61 -4.33 12.36
CA SER B 193 11.86 -5.69 11.90
C SER B 193 12.10 -6.62 13.09
N LEU B 194 12.76 -6.09 14.11
CA LEU B 194 13.11 -6.87 15.30
C LEU B 194 11.91 -7.17 16.20
N GLY B 195 10.83 -6.43 16.00
CA GLY B 195 9.64 -6.60 16.82
C GLY B 195 9.63 -5.69 18.03
N GLU B 196 10.65 -4.85 18.16
CA GLU B 196 10.71 -3.87 19.23
C GLU B 196 9.69 -2.78 18.96
N LEU B 197 8.99 -2.36 20.00
CA LEU B 197 8.00 -1.29 19.88
C LEU B 197 8.68 0.00 19.43
N MET B 198 8.20 0.57 18.34
CA MET B 198 8.72 1.85 17.85
C MET B 198 7.76 2.98 18.18
N GLY B 199 6.47 2.72 18.09
CA GLY B 199 5.46 3.73 18.37
C GLY B 199 4.07 3.15 18.50
N ILE B 200 3.14 3.98 18.95
CA ILE B 200 1.74 3.58 19.08
C ILE B 200 0.91 4.25 18.01
N ASN B 201 0.48 3.49 17.01
CA ASN B 201 -0.33 4.03 15.94
C ASN B 201 -1.52 4.81 16.48
N THR B 202 -1.68 6.04 16.03
CA THR B 202 -2.64 6.96 16.65
C THR B 202 -3.47 7.72 15.64
N LEU B 203 -2.82 8.26 14.62
CA LEU B 203 -3.49 9.15 13.67
C LEU B 203 -3.28 8.69 12.24
N SER B 204 -3.98 9.34 11.32
CA SER B 204 -3.86 9.08 9.90
C SER B 204 -4.23 10.34 9.15
N PHE B 205 -3.38 10.76 8.22
CA PHE B 205 -3.64 11.97 7.45
C PHE B 205 -4.90 11.80 6.62
N ASP B 206 -5.86 12.69 6.81
CA ASP B 206 -7.16 12.59 6.17
C ASP B 206 -7.47 13.82 5.34
N LYS B 207 -6.83 14.93 5.69
CA LYS B 207 -7.08 16.21 5.03
C LYS B 207 -6.72 16.16 3.55
N SER B 208 -7.59 16.71 2.73
CA SER B 208 -7.40 16.68 1.29
C SER B 208 -7.48 18.04 0.65
N ASN B 209 -6.43 18.39 -0.10
CA ASN B 209 -6.39 19.65 -0.83
C ASN B 209 -7.33 19.67 -2.03
N ASP B 210 -7.41 18.56 -2.75
CA ASP B 210 -8.25 18.48 -3.94
C ASP B 210 -9.40 17.49 -3.76
N GLY B 211 -9.68 17.10 -2.52
CA GLY B 211 -10.71 16.11 -2.27
C GLY B 211 -10.16 14.69 -2.34
N GLU B 212 -8.92 14.57 -2.79
CA GLU B 212 -8.22 13.29 -2.87
C GLU B 212 -7.81 12.79 -1.49
N THR B 213 -7.75 11.48 -1.31
CA THR B 213 -7.37 10.94 0.00
C THR B 213 -5.88 10.64 0.08
N PRO B 214 -5.21 11.18 1.12
CA PRO B 214 -3.78 10.93 1.38
C PRO B 214 -3.46 9.44 1.45
N GLU B 215 -2.28 9.08 0.95
CA GLU B 215 -1.88 7.68 0.87
C GLU B 215 -0.58 7.46 1.64
N GLY B 216 -0.58 6.43 2.49
CA GLY B 216 0.60 6.06 3.24
C GLY B 216 1.16 7.16 4.12
N ILE B 217 0.28 7.81 4.88
CA ILE B 217 0.70 8.88 5.78
C ILE B 217 0.05 8.73 7.15
N GLY B 218 0.59 7.82 7.95
CA GLY B 218 0.08 7.57 9.29
C GLY B 218 1.03 8.08 10.35
N PHE B 219 0.53 8.24 11.58
CA PHE B 219 1.33 8.77 12.66
C PHE B 219 1.26 7.89 13.91
N ALA B 220 2.37 7.83 14.65
CA ALA B 220 2.45 7.03 15.86
C ALA B 220 3.15 7.78 16.98
N ILE B 221 2.79 7.48 18.22
CA ILE B 221 3.47 8.05 19.37
C ILE B 221 4.75 7.26 19.63
N PRO B 222 5.91 7.94 19.58
CA PRO B 222 7.19 7.29 19.82
C PRO B 222 7.17 6.54 21.16
N PHE B 223 7.70 5.33 21.18
CA PHE B 223 7.62 4.50 22.38
C PHE B 223 8.31 5.14 23.59
N GLN B 224 9.32 5.96 23.34
CA GLN B 224 9.98 6.69 24.41
C GLN B 224 8.97 7.57 25.12
N LEU B 225 8.13 8.23 24.33
CA LEU B 225 7.09 9.10 24.86
C LEU B 225 5.95 8.29 25.46
N ALA B 226 5.62 7.17 24.81
CA ALA B 226 4.54 6.31 25.27
C ALA B 226 4.83 5.72 26.65
N THR B 227 6.01 5.12 26.80
CA THR B 227 6.39 4.52 28.06
C THR B 227 6.44 5.56 29.17
N LYS B 228 6.93 6.76 28.83
CA LYS B 228 7.01 7.85 29.79
C LYS B 228 5.62 8.21 30.32
N ILE B 229 4.67 8.38 29.40
CA ILE B 229 3.32 8.75 29.77
C ILE B 229 2.61 7.62 30.53
N MET B 230 2.91 6.38 30.16
CA MET B 230 2.32 5.23 30.84
C MET B 230 2.76 5.17 32.29
N ASP B 231 4.07 5.11 32.50
CA ASP B 231 4.61 5.03 33.85
C ASP B 231 4.04 6.11 34.76
N LYS B 232 3.83 7.30 34.21
CA LYS B 232 3.23 8.39 34.96
C LYS B 232 1.77 8.09 35.31
N LEU B 233 1.01 7.67 34.30
CA LEU B 233 -0.41 7.35 34.49
C LEU B 233 -0.61 6.23 35.52
N ILE B 234 0.23 5.22 35.46
CA ILE B 234 0.15 4.10 36.40
C ILE B 234 0.42 4.58 37.82
N ARG B 235 1.23 5.61 37.95
CA ARG B 235 1.65 6.11 39.26
C ARG B 235 0.70 7.16 39.83
N ASP B 236 0.30 8.12 39.02
CA ASP B 236 -0.50 9.24 39.49
C ASP B 236 -1.97 9.17 39.04
N GLY B 237 -2.31 8.16 38.24
CA GLY B 237 -3.64 8.04 37.71
C GLY B 237 -3.87 9.04 36.57
N ARG B 238 -3.00 10.03 36.52
CA ARG B 238 -3.03 11.04 35.48
C ARG B 238 -1.58 11.42 35.16
N VAL B 239 -1.40 12.33 34.21
CA VAL B 239 -0.05 12.78 33.85
C VAL B 239 0.21 14.19 34.38
N ILE B 240 0.70 14.28 35.61
CA ILE B 240 1.03 15.57 36.20
C ILE B 240 2.35 16.09 35.64
N ARG B 241 2.30 17.27 35.03
CA ARG B 241 3.50 17.85 34.45
C ARG B 241 3.69 19.32 34.84
N GLY B 242 4.95 19.70 35.03
CA GLY B 242 5.30 21.03 35.50
C GLY B 242 4.59 22.18 34.83
N TYR B 243 4.35 23.24 35.59
CA TYR B 243 3.67 24.42 35.09
C TYR B 243 4.44 25.67 35.50
N ILE B 244 4.69 26.56 34.53
CA ILE B 244 5.42 27.79 34.80
C ILE B 244 4.47 28.98 34.85
N GLY B 245 3.38 28.87 34.10
CA GLY B 245 2.40 29.95 34.05
C GLY B 245 2.79 31.01 33.05
N ILE B 246 3.54 30.61 32.04
CA ILE B 246 4.06 31.56 31.07
C ILE B 246 3.99 31.03 29.65
N GLY B 266 16.22 34.62 22.95
CA GLY B 266 15.34 35.63 22.36
C GLY B 266 13.89 35.27 22.52
N ILE B 267 13.48 34.95 23.74
CA ILE B 267 12.10 34.58 24.03
C ILE B 267 11.48 35.51 25.07
N VAL B 268 10.46 36.26 24.66
CA VAL B 268 9.79 37.19 25.55
C VAL B 268 8.43 36.64 26.00
N VAL B 269 8.16 36.77 27.29
CA VAL B 269 6.94 36.25 27.88
C VAL B 269 5.85 37.32 27.97
N ASN B 270 4.96 37.36 26.99
CA ASN B 270 3.93 38.40 26.95
C ASN B 270 3.08 38.51 28.22
N GLU B 271 2.60 37.37 28.70
CA GLU B 271 1.70 37.36 29.84
C GLU B 271 2.08 36.29 30.84
N VAL B 272 1.55 36.43 32.04
CA VAL B 272 1.92 35.59 33.15
C VAL B 272 0.69 35.03 33.84
N SER B 273 0.61 33.70 33.88
CA SER B 273 -0.50 33.04 34.57
C SER B 273 -0.64 33.64 35.95
N PRO B 274 -1.86 33.73 36.47
CA PRO B 274 -2.04 34.08 37.88
C PRO B 274 -1.47 32.96 38.73
N GLY B 276 -0.16 32.71 38.57
CA GLY B 276 0.48 31.66 39.34
C GLY B 276 2.00 31.76 39.41
N PRO B 277 2.68 30.64 39.10
CA PRO B 277 4.11 30.53 39.37
C PRO B 277 4.90 31.61 38.68
N ALA B 278 4.39 32.02 37.53
CA ALA B 278 4.97 33.12 36.79
C ALA B 278 4.74 34.41 37.58
N ALA B 279 3.49 34.72 37.88
CA ALA B 279 3.14 35.95 38.60
C ALA B 279 4.00 36.13 39.84
N ASN B 280 4.26 35.01 40.51
CA ASN B 280 5.13 34.99 41.67
C ASN B 280 6.58 35.18 41.26
N ALA B 281 7.44 35.40 42.25
CA ALA B 281 8.85 35.68 42.00
C ALA B 281 9.03 37.08 41.40
N GLY B 282 8.01 37.55 40.69
CA GLY B 282 8.01 38.88 40.13
C GLY B 282 8.41 38.95 38.67
N ILE B 283 8.00 37.94 37.89
CA ILE B 283 8.31 37.95 36.47
C ILE B 283 7.41 38.93 35.72
N GLN B 284 8.05 39.93 35.10
CA GLN B 284 7.33 41.00 34.43
C GLN B 284 6.67 40.49 33.15
N VAL B 285 5.86 41.34 32.53
CA VAL B 285 5.20 40.99 31.28
C VAL B 285 6.19 40.99 30.11
N ASN B 286 6.97 42.06 29.98
CA ASN B 286 7.97 42.09 28.91
C ASN B 286 9.25 41.36 29.31
N ASP B 287 9.22 40.75 30.49
CA ASP B 287 10.39 40.09 31.06
C ASP B 287 11.08 39.15 30.06
N LEU B 288 12.40 39.23 30.01
CA LEU B 288 13.20 38.40 29.11
C LEU B 288 13.95 37.33 29.90
N ILE B 290 16.63 33.76 29.72
CA ILE B 290 17.63 33.08 28.90
C ILE B 290 18.07 31.77 29.52
N SER B 291 17.95 31.68 30.84
CA SER B 291 18.37 30.49 31.57
C SER B 291 17.27 29.96 32.48
N VAL B 292 17.10 28.63 32.47
CA VAL B 292 16.09 27.98 33.30
C VAL B 292 16.59 26.64 33.84
N ASP B 293 16.64 26.54 35.16
CA ASP B 293 17.11 25.31 35.82
C ASP B 293 18.49 24.93 35.34
N ASN B 294 19.38 25.92 35.23
CA ASN B 294 20.74 25.68 34.78
C ASN B 294 20.78 25.06 33.39
N LYS B 295 19.87 25.50 32.54
CA LYS B 295 19.76 24.97 31.18
C LYS B 295 19.54 26.09 30.16
N PRO B 296 20.10 25.92 28.95
CA PRO B 296 19.99 26.91 27.87
C PRO B 296 18.56 27.05 27.38
N LEU B 301 10.12 24.85 22.44
CA LEU B 301 9.71 23.44 22.44
C LEU B 301 10.62 22.61 23.34
N GLU B 302 11.91 22.89 23.28
CA GLU B 302 12.89 22.19 24.10
C GLU B 302 12.59 22.45 25.56
N THR B 303 12.02 23.63 25.83
CA THR B 303 11.80 24.08 27.20
C THR B 303 10.49 23.57 27.80
N MET B 304 9.39 23.79 27.09
CA MET B 304 8.08 23.42 27.61
C MET B 304 7.94 21.91 27.82
N ALA B 305 8.82 21.15 27.18
CA ALA B 305 8.87 19.71 27.39
C ALA B 305 9.78 19.38 28.56
N GLN B 306 10.76 20.26 28.80
CA GLN B 306 11.68 20.11 29.91
C GLN B 306 11.01 20.47 31.23
N VAL B 307 10.32 21.61 31.25
CA VAL B 307 9.63 22.08 32.45
C VAL B 307 8.44 21.17 32.78
N ALA B 308 7.91 20.51 31.77
CA ALA B 308 6.79 19.60 31.97
C ALA B 308 7.20 18.41 32.83
N GLU B 309 8.50 18.11 32.85
CA GLU B 309 9.00 16.98 33.60
C GLU B 309 9.51 17.42 34.99
N ILE B 310 9.15 18.64 35.38
CA ILE B 310 9.56 19.17 36.67
C ILE B 310 8.49 18.92 37.74
N ARG B 311 8.87 18.23 38.80
CA ARG B 311 7.95 17.89 39.88
C ARG B 311 7.42 19.13 40.59
N PRO B 312 6.09 19.19 40.77
CA PRO B 312 5.44 20.28 41.51
C PRO B 312 5.96 20.36 42.94
N GLY B 313 6.28 21.57 43.39
CA GLY B 313 6.87 21.77 44.70
C GLY B 313 8.33 22.17 44.58
N SER B 314 8.95 21.77 43.49
CA SER B 314 10.36 22.11 43.24
C SER B 314 10.49 23.57 42.82
N VAL B 315 11.58 24.20 43.26
CA VAL B 315 11.82 25.61 42.97
C VAL B 315 12.97 25.79 41.99
N ILE B 316 12.81 26.69 41.02
CA ILE B 316 13.82 26.91 40.00
C ILE B 316 13.98 28.39 39.65
N PRO B 317 15.18 28.93 39.88
CA PRO B 317 15.49 30.32 39.54
C PRO B 317 15.32 30.60 38.05
N THR B 328 17.92 37.64 39.53
CA THR B 328 17.48 36.25 39.43
C THR B 328 16.11 36.06 40.04
N LEU B 329 15.14 35.66 39.21
CA LEU B 329 13.79 35.38 39.69
C LEU B 329 13.68 33.92 40.12
N GLN B 330 13.10 33.69 41.30
CA GLN B 330 12.97 32.35 41.84
C GLN B 330 11.52 31.89 41.85
N VAL B 331 11.17 31.03 40.89
CA VAL B 331 9.80 30.55 40.75
C VAL B 331 9.64 29.11 41.21
N THR B 332 8.54 28.82 41.89
CA THR B 332 8.24 27.47 42.35
C THR B 332 7.29 26.75 41.40
N ILE B 333 7.80 25.75 40.71
CA ILE B 333 7.00 24.96 39.78
C ILE B 333 5.93 24.16 40.52
N GLN B 334 4.68 24.30 40.08
CA GLN B 334 3.57 23.55 40.66
C GLN B 334 2.99 22.58 39.64
N GLU B 335 1.78 22.10 39.90
CA GLU B 335 1.10 21.19 38.98
C GLU B 335 0.25 21.97 37.97
N TYR B 336 0.31 21.54 36.71
CA TYR B 336 -0.50 22.16 35.66
C TYR B 336 -1.86 21.49 35.54
N PRO B 337 -2.94 22.22 35.89
CA PRO B 337 -4.31 21.71 35.76
C PRO B 337 -4.66 21.48 34.29
N ALA B 338 -5.06 20.26 33.96
CA ALA B 338 -5.33 19.90 32.57
C ALA B 338 -6.82 19.79 32.25
N THR B 339 -7.37 18.60 32.50
CA THR B 339 -8.76 18.28 32.15
C THR B 339 -9.20 18.96 30.85
N GLU C 27 27.75 -4.12 -4.49
CA GLU C 27 26.64 -3.45 -3.83
C GLU C 27 25.38 -3.52 -4.69
N THR C 28 24.44 -4.36 -4.30
CA THR C 28 23.20 -4.52 -5.06
C THR C 28 21.99 -4.03 -4.27
N PRO C 29 21.10 -3.27 -4.94
CA PRO C 29 19.90 -2.72 -4.31
C PRO C 29 18.96 -3.84 -3.85
N ALA C 30 18.39 -3.68 -2.67
CA ALA C 30 17.38 -4.62 -2.21
C ALA C 30 16.25 -4.66 -3.23
N SER C 31 15.94 -5.85 -3.72
CA SER C 31 14.99 -5.99 -4.82
C SER C 31 14.21 -7.30 -4.76
N TYR C 32 13.01 -7.28 -5.33
CA TYR C 32 12.21 -8.48 -5.43
C TYR C 32 12.06 -8.88 -6.90
N ASN C 33 12.91 -8.28 -7.73
CA ASN C 33 12.93 -8.56 -9.16
C ASN C 33 12.98 -10.06 -9.44
N LEU C 34 13.66 -10.79 -8.56
CA LEU C 34 13.75 -12.24 -8.70
C LEU C 34 12.36 -12.85 -8.80
N ALA C 35 11.56 -12.64 -7.76
CA ALA C 35 10.19 -13.13 -7.72
C ALA C 35 9.40 -12.60 -8.92
N VAL C 36 9.75 -11.40 -9.37
CA VAL C 36 9.10 -10.80 -10.53
C VAL C 36 9.39 -11.63 -11.78
N ARG C 37 10.67 -11.79 -12.10
CA ARG C 37 11.06 -12.56 -13.27
C ARG C 37 10.57 -14.00 -13.18
N ARG C 38 10.35 -14.47 -11.94
CA ARG C 38 9.93 -15.84 -11.71
C ARG C 38 8.43 -16.05 -11.90
N ALA C 39 7.64 -15.07 -11.46
CA ALA C 39 6.19 -15.25 -11.42
C ALA C 39 5.44 -14.38 -12.42
N ALA C 40 5.94 -13.17 -12.66
CA ALA C 40 5.28 -12.21 -13.54
C ALA C 40 4.90 -12.82 -14.90
N PRO C 41 5.86 -13.51 -15.56
CA PRO C 41 5.55 -14.11 -16.86
C PRO C 41 4.26 -14.92 -16.83
N ALA C 42 4.06 -15.69 -15.76
CA ALA C 42 2.91 -16.58 -15.65
C ALA C 42 1.61 -15.83 -15.35
N VAL C 43 1.71 -14.52 -15.12
CA VAL C 43 0.53 -13.70 -14.88
C VAL C 43 0.08 -13.03 -16.17
N VAL C 44 -1.17 -13.27 -16.54
CA VAL C 44 -1.70 -12.79 -17.81
C VAL C 44 -2.77 -11.74 -17.62
N ASN C 45 -3.08 -11.00 -18.69
CA ASN C 45 -4.17 -10.04 -18.67
C ASN C 45 -5.42 -10.69 -19.23
N VAL C 46 -6.44 -10.84 -18.39
CA VAL C 46 -7.69 -11.45 -18.81
C VAL C 46 -8.73 -10.41 -19.15
N TYR C 47 -9.22 -10.45 -20.40
CA TYR C 47 -10.21 -9.51 -20.86
C TYR C 47 -11.55 -10.20 -21.13
N ASN C 48 -12.62 -9.65 -20.56
CA ASN C 48 -13.97 -10.09 -20.87
C ASN C 48 -14.63 -9.04 -21.76
N ARG C 49 -15.05 -9.48 -22.95
CA ARG C 49 -15.69 -8.58 -23.90
C ARG C 49 -17.04 -9.12 -24.37
N GLY C 50 -17.96 -8.21 -24.64
CA GLY C 50 -19.27 -8.57 -25.15
C GLY C 50 -19.65 -7.74 -26.36
N LEU C 51 -20.53 -8.28 -27.20
CA LEU C 51 -20.98 -7.58 -28.40
C LEU C 51 -22.32 -6.90 -28.16
N ASN C 52 -22.37 -5.60 -28.45
CA ASN C 52 -23.58 -4.83 -28.21
C ASN C 52 -24.11 -4.22 -29.51
N THR C 53 -25.42 -4.36 -29.72
CA THR C 53 -26.12 -3.80 -30.88
C THR C 53 -25.21 -3.05 -31.86
N GLN C 58 -19.89 -3.28 -31.74
CA GLN C 58 -19.51 -4.69 -31.76
C GLN C 58 -18.90 -5.11 -30.43
N LEU C 59 -17.75 -5.78 -30.49
CA LEU C 59 -17.07 -6.26 -29.29
C LEU C 59 -16.46 -5.13 -28.48
N GLU C 60 -16.72 -5.13 -27.19
CA GLU C 60 -16.18 -4.14 -26.27
C GLU C 60 -15.94 -4.76 -24.90
N ILE C 61 -14.86 -4.35 -24.24
CA ILE C 61 -14.52 -4.89 -22.93
C ILE C 61 -15.49 -4.42 -21.85
N ARG C 62 -16.22 -5.37 -21.26
CA ARG C 62 -17.15 -5.05 -20.18
C ARG C 62 -16.48 -5.22 -18.82
N THR C 63 -15.46 -6.06 -18.76
CA THR C 63 -14.71 -6.29 -17.53
C THR C 63 -13.31 -6.81 -17.85
N LEU C 64 -12.32 -6.33 -17.11
CA LEU C 64 -10.96 -6.84 -17.28
C LEU C 64 -10.33 -7.19 -15.93
N GLY C 65 -9.45 -8.18 -15.95
CA GLY C 65 -8.76 -8.60 -14.75
C GLY C 65 -7.45 -9.28 -15.10
N SER C 66 -7.00 -10.17 -14.22
CA SER C 66 -5.76 -10.90 -14.46
C SER C 66 -5.97 -12.40 -14.33
N GLY C 67 -4.94 -13.16 -14.69
CA GLY C 67 -5.00 -14.60 -14.61
C GLY C 67 -3.63 -15.17 -14.34
N VAL C 68 -3.60 -16.41 -13.85
CA VAL C 68 -2.35 -17.05 -13.51
C VAL C 68 -2.26 -18.43 -14.17
N ILE C 69 -1.32 -18.57 -15.10
CA ILE C 69 -1.09 -19.86 -15.75
C ILE C 69 -0.46 -20.81 -14.75
N MET C 70 -1.18 -21.86 -14.40
CA MET C 70 -0.75 -22.79 -13.37
C MET C 70 0.13 -23.92 -13.92
N ASP C 71 -0.29 -24.50 -15.04
CA ASP C 71 0.44 -25.61 -15.64
C ASP C 71 0.75 -25.37 -17.12
N GLN C 72 1.54 -26.26 -17.70
CA GLN C 72 1.94 -26.13 -19.11
C GLN C 72 0.79 -26.34 -20.07
N ARG C 73 -0.23 -27.07 -19.64
CA ARG C 73 -1.37 -27.39 -20.48
C ARG C 73 -2.13 -26.13 -20.92
N GLY C 74 -1.85 -25.01 -20.26
CA GLY C 74 -2.46 -23.75 -20.63
C GLY C 74 -3.66 -23.36 -19.77
N TYR C 75 -4.00 -24.21 -18.81
CA TYR C 75 -5.08 -23.91 -17.89
C TYR C 75 -4.72 -22.69 -17.05
N ILE C 76 -5.68 -21.80 -16.86
CA ILE C 76 -5.44 -20.55 -16.16
C ILE C 76 -6.49 -20.31 -15.09
N ILE C 77 -6.03 -19.96 -13.89
CA ILE C 77 -6.95 -19.63 -12.81
C ILE C 77 -7.22 -18.13 -12.79
N THR C 78 -8.48 -17.77 -12.56
CA THR C 78 -8.88 -16.38 -12.47
C THR C 78 -10.14 -16.29 -11.64
N ASN C 79 -10.61 -15.07 -11.40
CA ASN C 79 -11.85 -14.88 -10.66
C ASN C 79 -13.07 -15.04 -11.58
N LYS C 80 -14.09 -15.74 -11.08
CA LYS C 80 -15.30 -15.94 -11.85
C LYS C 80 -15.97 -14.62 -12.19
N HIS C 81 -15.85 -13.65 -11.29
CA HIS C 81 -16.45 -12.33 -11.51
C HIS C 81 -15.70 -11.52 -12.56
N VAL C 82 -14.61 -12.08 -13.06
CA VAL C 82 -13.83 -11.44 -14.11
C VAL C 82 -14.33 -11.90 -15.48
N ILE C 83 -14.78 -13.14 -15.56
CA ILE C 83 -15.20 -13.72 -16.83
C ILE C 83 -16.70 -14.04 -16.87
N ASN C 84 -17.47 -13.42 -15.99
CA ASN C 84 -18.91 -13.62 -15.97
C ASN C 84 -19.60 -13.09 -17.22
N ASP C 85 -20.40 -13.95 -17.85
CA ASP C 85 -21.15 -13.56 -19.04
C ASP C 85 -20.22 -13.03 -20.13
N ALA C 86 -19.05 -13.62 -20.23
CA ALA C 86 -18.07 -13.22 -21.24
C ALA C 86 -18.35 -13.91 -22.57
N ASP C 87 -18.75 -13.13 -23.56
CA ASP C 87 -18.96 -13.66 -24.90
C ASP C 87 -17.63 -14.14 -25.47
N GLN C 88 -16.59 -13.33 -25.26
CA GLN C 88 -15.23 -13.70 -25.65
C GLN C 88 -14.25 -13.36 -24.55
N ILE C 89 -13.40 -14.33 -24.19
CA ILE C 89 -12.39 -14.11 -23.17
C ILE C 89 -11.00 -14.09 -23.79
N ILE C 90 -10.40 -12.91 -23.80
CA ILE C 90 -9.06 -12.74 -24.36
C ILE C 90 -7.99 -12.77 -23.28
N VAL C 91 -7.04 -13.68 -23.41
CA VAL C 91 -5.94 -13.77 -22.47
C VAL C 91 -4.65 -13.23 -23.10
N ALA C 92 -4.10 -12.17 -22.51
CA ALA C 92 -2.90 -11.54 -23.02
C ALA C 92 -1.70 -11.84 -22.13
N LEU C 93 -0.65 -12.39 -22.73
CA LEU C 93 0.58 -12.68 -21.99
C LEU C 93 1.54 -11.49 -22.07
N GLN C 94 2.60 -11.54 -21.27
CA GLN C 94 3.56 -10.45 -21.22
C GLN C 94 4.54 -10.51 -22.39
N ASP C 95 4.71 -11.69 -22.97
CA ASP C 95 5.62 -11.86 -24.10
C ASP C 95 4.98 -11.39 -25.40
N GLY C 96 3.74 -10.89 -25.32
CA GLY C 96 3.06 -10.36 -26.48
C GLY C 96 1.95 -11.25 -27.00
N ARG C 97 2.11 -12.55 -26.85
CA ARG C 97 1.12 -13.51 -27.34
C ARG C 97 -0.27 -13.24 -26.78
N VAL C 98 -1.28 -13.37 -27.63
CA VAL C 98 -2.66 -13.17 -27.24
C VAL C 98 -3.51 -14.36 -27.67
N PHE C 99 -4.20 -14.98 -26.72
CA PHE C 99 -5.02 -16.14 -27.01
C PHE C 99 -6.50 -15.87 -26.77
N GLU C 100 -7.34 -16.82 -27.15
CA GLU C 100 -8.76 -16.77 -26.82
C GLU C 100 -9.07 -17.85 -25.80
N ALA C 101 -9.29 -17.44 -24.55
CA ALA C 101 -9.50 -18.38 -23.46
C ALA C 101 -10.78 -19.19 -23.62
N LEU C 102 -10.74 -20.43 -23.16
CA LEU C 102 -11.91 -21.30 -23.12
C LEU C 102 -12.33 -21.48 -21.67
N LEU C 103 -13.55 -21.08 -21.34
CA LEU C 103 -14.04 -21.24 -19.98
C LEU C 103 -14.15 -22.71 -19.62
N VAL C 104 -13.18 -23.19 -18.84
CA VAL C 104 -13.14 -24.59 -18.44
C VAL C 104 -14.20 -24.88 -17.38
N GLY C 105 -14.53 -23.87 -16.60
CA GLY C 105 -15.51 -23.99 -15.54
C GLY C 105 -15.34 -22.86 -14.53
N SER C 106 -16.36 -22.64 -13.72
CA SER C 106 -16.29 -21.57 -12.72
C SER C 106 -17.01 -21.95 -11.44
N ASP C 107 -16.59 -21.36 -10.34
CA ASP C 107 -17.19 -21.63 -9.04
C ASP C 107 -17.55 -20.31 -8.37
N SER C 108 -18.84 -20.02 -8.30
CA SER C 108 -19.31 -18.78 -7.70
C SER C 108 -19.18 -18.82 -6.18
N LEU C 109 -18.90 -20.01 -5.66
CA LEU C 109 -18.81 -20.19 -4.22
C LEU C 109 -17.45 -19.71 -3.70
N THR C 110 -16.42 -19.89 -4.51
CA THR C 110 -15.07 -19.44 -4.16
C THR C 110 -14.62 -18.35 -5.11
N ASP C 111 -15.55 -17.84 -5.92
CA ASP C 111 -15.26 -16.79 -6.88
C ASP C 111 -14.07 -17.16 -7.76
N LEU C 112 -13.95 -18.44 -8.08
CA LEU C 112 -12.86 -18.92 -8.92
C LEU C 112 -13.36 -19.37 -10.30
N ALA C 113 -12.42 -19.45 -11.23
CA ALA C 113 -12.73 -19.86 -12.59
C ALA C 113 -11.45 -20.31 -13.29
N VAL C 114 -11.58 -21.27 -14.19
CA VAL C 114 -10.42 -21.76 -14.94
C VAL C 114 -10.62 -21.54 -16.44
N LEU C 115 -9.58 -21.03 -17.09
CA LEU C 115 -9.61 -20.81 -18.52
C LEU C 115 -8.55 -21.68 -19.18
N LYS C 116 -8.86 -22.19 -20.37
CA LYS C 116 -7.92 -23.00 -21.12
C LYS C 116 -7.45 -22.25 -22.36
N ILE C 117 -6.18 -22.43 -22.71
CA ILE C 117 -5.65 -21.83 -23.92
C ILE C 117 -4.67 -22.77 -24.62
N ASN C 118 -4.92 -23.02 -25.90
CA ASN C 118 -4.05 -23.89 -26.69
C ASN C 118 -2.76 -23.18 -27.11
N ALA C 119 -1.64 -23.58 -26.51
CA ALA C 119 -0.36 -22.96 -26.82
C ALA C 119 0.59 -23.93 -27.50
N THR C 120 0.82 -23.73 -28.79
CA THR C 120 1.75 -24.56 -29.54
C THR C 120 3.18 -24.35 -29.04
N GLY C 121 3.48 -23.13 -28.61
CA GLY C 121 4.78 -22.80 -28.06
C GLY C 121 4.84 -23.03 -26.57
N GLY C 122 5.99 -22.74 -25.97
CA GLY C 122 6.17 -22.92 -24.53
C GLY C 122 5.40 -21.90 -23.73
N LEU C 123 4.95 -22.30 -22.55
CA LEU C 123 4.18 -21.43 -21.67
C LEU C 123 4.87 -21.20 -20.33
N PRO C 124 4.91 -19.93 -19.88
CA PRO C 124 5.41 -19.61 -18.54
C PRO C 124 4.40 -20.04 -17.49
N THR C 125 4.87 -20.74 -16.46
CA THR C 125 3.99 -21.18 -15.38
C THR C 125 4.32 -20.47 -14.07
N ILE C 126 3.35 -20.45 -13.16
CA ILE C 126 3.54 -19.82 -11.87
C ILE C 126 4.22 -20.77 -10.90
N PRO C 127 5.26 -20.29 -10.20
CA PRO C 127 5.93 -21.11 -9.19
C PRO C 127 4.95 -21.53 -8.11
N ILE C 128 4.90 -22.83 -7.81
CA ILE C 128 3.96 -23.34 -6.81
C ILE C 128 4.63 -24.31 -5.84
N ASN C 129 4.56 -23.98 -4.55
CA ASN C 129 5.08 -24.86 -3.51
C ASN C 129 3.95 -25.33 -2.60
N ALA C 130 3.52 -26.57 -2.78
CA ALA C 130 2.39 -27.11 -2.02
C ALA C 130 2.72 -27.24 -0.54
N ARG C 131 4.01 -27.39 -0.22
CA ARG C 131 4.44 -27.57 1.16
C ARG C 131 4.60 -26.24 1.89
N ARG C 132 4.72 -25.17 1.11
CA ARG C 132 4.92 -23.83 1.67
C ARG C 132 3.73 -23.38 2.51
N VAL C 133 3.98 -23.04 3.77
CA VAL C 133 2.95 -22.51 4.64
C VAL C 133 3.12 -21.01 4.84
N PRO C 134 2.23 -20.22 4.22
CA PRO C 134 2.30 -18.76 4.29
C PRO C 134 2.17 -18.26 5.72
N HIS C 135 3.17 -17.55 6.21
CA HIS C 135 3.13 -16.99 7.54
C HIS C 135 2.82 -15.51 7.48
N ILE C 136 2.11 -15.01 8.49
CA ILE C 136 1.82 -13.60 8.59
C ILE C 136 3.13 -12.83 8.71
N GLY C 137 3.30 -11.83 7.86
CA GLY C 137 4.52 -11.03 7.86
C GLY C 137 5.39 -11.31 6.65
N ASP C 138 5.09 -12.39 5.93
CA ASP C 138 5.81 -12.72 4.72
C ASP C 138 5.64 -11.61 3.69
N VAL C 139 6.74 -11.17 3.10
CA VAL C 139 6.69 -10.15 2.05
C VAL C 139 6.09 -10.75 0.79
N VAL C 140 5.05 -10.13 0.28
CA VAL C 140 4.36 -10.64 -0.91
C VAL C 140 4.27 -9.60 -2.02
N LEU C 141 4.14 -10.08 -3.25
CA LEU C 141 4.00 -9.21 -4.40
C LEU C 141 2.68 -9.46 -5.11
N ALA C 142 1.94 -8.41 -5.41
CA ALA C 142 0.68 -8.53 -6.12
C ALA C 142 0.86 -8.21 -7.59
N ILE C 143 0.81 -9.25 -8.43
CA ILE C 143 0.95 -9.08 -9.86
C ILE C 143 -0.42 -9.11 -10.53
N GLY C 144 -0.70 -8.08 -11.32
CA GLY C 144 -1.98 -7.96 -12.00
C GLY C 144 -1.99 -6.84 -13.02
N ASN C 145 -3.18 -6.49 -13.49
CA ASN C 145 -3.33 -5.47 -14.51
C ASN C 145 -4.29 -4.37 -14.09
N PRO C 146 -3.94 -3.61 -13.04
CA PRO C 146 -4.78 -2.54 -12.50
C PRO C 146 -5.13 -1.50 -13.54
N TYR C 147 -6.42 -1.25 -13.73
CA TYR C 147 -6.89 -0.21 -14.63
C TYR C 147 -6.33 -0.36 -16.04
N ASN C 148 -5.97 -1.59 -16.41
CA ASN C 148 -5.45 -1.87 -17.74
C ASN C 148 -4.26 -0.99 -18.13
N LEU C 149 -3.36 -0.77 -17.17
CA LEU C 149 -2.15 0.01 -17.43
C LEU C 149 -1.04 -0.91 -17.90
N GLY C 150 -1.24 -2.21 -17.70
CA GLY C 150 -0.22 -3.20 -17.98
C GLY C 150 0.10 -3.95 -16.70
N GLN C 151 0.91 -4.99 -16.79
CA GLN C 151 1.21 -5.81 -15.63
C GLN C 151 1.96 -5.02 -14.56
N THR C 152 1.27 -4.78 -13.44
CA THR C 152 1.83 -4.00 -12.36
C THR C 152 2.25 -4.88 -11.19
N ILE C 153 3.41 -4.58 -10.63
CA ILE C 153 3.91 -5.30 -9.46
C ILE C 153 3.90 -4.41 -8.24
N THR C 154 3.04 -4.72 -7.28
CA THR C 154 3.01 -3.98 -6.02
C THR C 154 3.52 -4.86 -4.89
N GLN C 155 4.14 -4.23 -3.89
CA GLN C 155 4.74 -4.96 -2.78
C GLN C 155 4.01 -4.72 -1.47
N GLY C 156 3.91 -5.76 -0.67
CA GLY C 156 3.30 -5.68 0.65
C GLY C 156 3.70 -6.89 1.47
N ILE C 157 2.90 -7.21 2.48
CA ILE C 157 3.14 -8.39 3.30
C ILE C 157 1.82 -9.13 3.50
N ILE C 158 1.89 -10.28 4.15
CA ILE C 158 0.66 -10.99 4.53
C ILE C 158 0.13 -10.42 5.83
N SER C 159 -0.91 -9.59 5.72
CA SER C 159 -1.50 -8.93 6.87
C SER C 159 -2.12 -9.92 7.83
N ALA C 160 -2.78 -10.93 7.27
CA ALA C 160 -3.45 -11.95 8.08
C ALA C 160 -3.75 -13.16 7.22
N THR C 161 -4.12 -14.27 7.87
CA THR C 161 -4.51 -15.47 7.17
C THR C 161 -5.84 -15.97 7.71
N GLY C 162 -6.50 -16.85 6.95
CA GLY C 162 -7.77 -17.41 7.38
C GLY C 162 -8.85 -16.35 7.57
N ARG C 163 -8.84 -15.34 6.72
CA ARG C 163 -9.84 -14.28 6.76
C ARG C 163 -11.09 -14.67 5.99
N ILE C 164 -12.24 -14.65 6.65
CA ILE C 164 -13.50 -14.88 5.96
C ILE C 164 -14.24 -13.56 5.77
N GLY C 165 -14.68 -13.31 4.53
CA GLY C 165 -15.37 -12.07 4.22
C GLY C 165 -14.47 -10.86 4.43
N PRO C 168 -19.35 -14.69 4.69
CA PRO C 168 -20.39 -15.38 5.44
C PRO C 168 -20.46 -16.87 5.09
N THR C 169 -20.31 -17.20 3.81
CA THR C 169 -20.22 -18.59 3.39
C THR C 169 -19.06 -19.26 4.10
N GLY C 170 -17.96 -18.52 4.24
CA GLY C 170 -16.78 -19.01 4.93
C GLY C 170 -15.93 -19.92 4.07
N ARG C 171 -16.32 -20.10 2.82
CA ARG C 171 -15.59 -20.99 1.93
C ARG C 171 -14.33 -20.36 1.38
N GLN C 172 -14.31 -19.03 1.32
CA GLN C 172 -13.19 -18.32 0.70
C GLN C 172 -11.90 -18.35 1.52
N ASN C 173 -12.01 -18.19 2.84
CA ASN C 173 -10.84 -18.27 3.71
C ASN C 173 -9.67 -17.45 3.18
N PHE C 174 -9.90 -16.17 2.97
CA PHE C 174 -8.92 -15.27 2.35
C PHE C 174 -7.65 -15.07 3.15
N LEU C 175 -6.58 -14.72 2.43
CA LEU C 175 -5.37 -14.19 3.04
C LEU C 175 -5.39 -12.68 2.85
N GLN C 176 -5.32 -11.94 3.95
CA GLN C 176 -5.29 -10.49 3.88
C GLN C 176 -3.89 -10.03 3.50
N THR C 177 -3.82 -8.92 2.78
CA THR C 177 -2.53 -8.36 2.37
C THR C 177 -2.62 -6.85 2.16
N ASP C 178 -1.53 -6.16 2.45
CA ASP C 178 -1.50 -4.70 2.29
C ASP C 178 -0.81 -4.30 0.99
N ALA C 179 -0.49 -5.29 0.15
CA ALA C 179 0.06 -5.02 -1.17
C ALA C 179 -1.01 -4.34 -2.03
N SER C 180 -0.65 -3.21 -2.63
CA SER C 180 -1.61 -2.39 -3.36
C SER C 180 -2.43 -3.20 -4.36
N ILE C 181 -3.71 -3.35 -4.07
CA ILE C 181 -4.64 -4.07 -4.93
C ILE C 181 -5.69 -3.14 -5.52
N ASN C 182 -5.89 -3.23 -6.82
CA ASN C 182 -6.84 -2.37 -7.52
C ASN C 182 -7.66 -3.13 -8.56
N PRO C 183 -8.75 -2.52 -9.03
CA PRO C 183 -9.55 -3.10 -10.10
C PRO C 183 -8.67 -3.50 -11.29
N GLY C 184 -8.56 -4.81 -11.54
CA GLY C 184 -7.70 -5.32 -12.58
C GLY C 184 -6.71 -6.32 -12.03
N ASN C 185 -6.67 -6.41 -10.70
CA ASN C 185 -5.81 -7.37 -10.02
C ASN C 185 -6.51 -8.70 -9.78
N MIS C 186 -7.83 -8.68 -9.84
CA MIS C 186 -8.66 -9.90 -9.66
CB MIS C 186 -10.11 -9.59 -9.98
OG MIS C 186 -10.61 -8.74 -8.95
P MIS C 186 -10.94 -7.20 -9.26
O1P MIS C 186 -9.84 -6.65 -10.15
O2P MIS C 186 -12.38 -7.08 -9.70
O3P MIS C 186 -10.81 -6.53 -7.82
C1 MIS C 186 -9.59 -5.89 -7.43
C2 MIS C 186 -9.86 -4.86 -6.35
C3 MIS C 186 -8.63 -6.97 -6.95
C MIS C 186 -8.18 -11.02 -10.55
O MIS C 186 -7.94 -10.82 -11.73
N GLY C 187 -8.03 -12.20 -9.96
CA GLY C 187 -7.53 -13.35 -10.70
C GLY C 187 -6.01 -13.30 -10.82
N GLY C 188 -5.43 -12.20 -10.39
CA GLY C 188 -3.98 -12.01 -10.45
C GLY C 188 -3.27 -12.80 -9.37
N ALA C 189 -1.95 -12.87 -9.48
CA ALA C 189 -1.15 -13.66 -8.56
C ALA C 189 -0.61 -12.85 -7.38
N LEU C 190 -0.67 -13.45 -6.19
CA LEU C 190 0.00 -12.92 -5.03
C LEU C 190 1.12 -13.89 -4.66
N VAL C 191 2.37 -13.46 -4.88
CA VAL C 191 3.51 -14.34 -4.65
C VAL C 191 4.44 -13.76 -3.58
N ASN C 192 5.27 -14.62 -3.00
CA ASN C 192 6.25 -14.17 -2.02
C ASN C 192 7.55 -13.73 -2.69
N SER C 193 8.56 -13.43 -1.88
CA SER C 193 9.84 -12.95 -2.40
C SER C 193 10.53 -14.00 -3.27
N LEU C 194 10.04 -15.23 -3.21
CA LEU C 194 10.62 -16.32 -3.99
C LEU C 194 9.85 -16.53 -5.29
N GLY C 195 8.80 -15.75 -5.49
CA GLY C 195 7.98 -15.86 -6.69
C GLY C 195 6.92 -16.93 -6.55
N GLU C 196 6.98 -17.68 -5.45
CA GLU C 196 6.02 -18.74 -5.19
C GLU C 196 4.61 -18.17 -5.00
N LEU C 197 3.64 -18.79 -5.65
CA LEU C 197 2.26 -18.36 -5.54
C LEU C 197 1.75 -18.54 -4.11
N MET C 198 1.17 -17.48 -3.56
CA MET C 198 0.60 -17.52 -2.21
C MET C 198 -0.91 -17.51 -2.27
N GLY C 199 -1.45 -16.75 -3.23
CA GLY C 199 -2.89 -16.63 -3.38
C GLY C 199 -3.32 -15.98 -4.67
N ILE C 200 -4.63 -15.93 -4.88
CA ILE C 200 -5.21 -15.29 -6.05
C ILE C 200 -5.97 -14.04 -5.63
N ASN C 201 -5.38 -12.87 -5.87
CA ASN C 201 -6.03 -11.61 -5.54
C ASN C 201 -7.49 -11.58 -6.01
N THR C 202 -8.40 -11.43 -5.06
CA THR C 202 -9.82 -11.51 -5.38
C THR C 202 -10.56 -10.28 -4.90
N LEU C 203 -10.14 -9.73 -3.77
CA LEU C 203 -10.88 -8.66 -3.13
C LEU C 203 -10.06 -7.47 -2.69
N SER C 204 -10.69 -6.31 -2.71
CA SER C 204 -10.16 -5.11 -2.08
C SER C 204 -11.23 -4.63 -1.12
N PHE C 205 -10.85 -4.41 0.13
CA PHE C 205 -11.80 -3.91 1.13
C PHE C 205 -12.33 -2.56 0.68
N ASP C 206 -13.66 -2.45 0.60
CA ASP C 206 -14.30 -1.25 0.07
C ASP C 206 -15.13 -0.51 1.11
N LYS C 207 -15.39 -1.18 2.23
CA LYS C 207 -16.29 -0.65 3.26
C LYS C 207 -15.78 0.63 3.91
N SER C 208 -16.62 1.66 3.89
CA SER C 208 -16.29 2.94 4.51
C SER C 208 -16.47 2.85 6.03
N ASN C 209 -15.85 3.79 6.75
CA ASN C 209 -15.95 3.83 8.21
C ASN C 209 -15.47 2.54 8.87
N GLU C 212 -14.64 6.75 5.00
CA GLU C 212 -13.37 6.99 4.35
C GLU C 212 -13.02 5.87 3.39
N THR C 213 -11.75 5.80 2.99
CA THR C 213 -11.30 4.80 2.03
C THR C 213 -10.28 3.86 2.66
N PRO C 214 -10.63 2.57 2.79
CA PRO C 214 -9.74 1.56 3.37
C PRO C 214 -8.45 1.48 2.57
N GLU C 215 -7.32 1.53 3.28
CA GLU C 215 -6.02 1.48 2.63
C GLU C 215 -5.23 0.24 3.02
N GLY C 216 -4.67 -0.43 2.02
CA GLY C 216 -3.79 -1.56 2.25
C GLY C 216 -4.51 -2.76 2.85
N ILE C 217 -5.75 -2.96 2.42
CA ILE C 217 -6.51 -4.13 2.86
C ILE C 217 -7.12 -4.84 1.65
N GLY C 218 -6.42 -5.87 1.18
CA GLY C 218 -6.91 -6.68 0.08
C GLY C 218 -6.94 -8.14 0.49
N PHE C 219 -7.67 -8.94 -0.28
CA PHE C 219 -7.79 -10.36 0.03
C PHE C 219 -7.44 -11.21 -1.18
N ALA C 220 -7.00 -12.43 -0.92
CA ALA C 220 -6.62 -13.36 -1.98
C ALA C 220 -6.96 -14.78 -1.59
N ILE C 221 -7.31 -15.60 -2.57
CA ILE C 221 -7.58 -17.00 -2.32
C ILE C 221 -6.27 -17.76 -2.14
N PRO C 222 -6.10 -18.43 -0.99
CA PRO C 222 -4.89 -19.21 -0.73
C PRO C 222 -4.63 -20.19 -1.87
N PHE C 223 -3.39 -20.34 -2.29
CA PHE C 223 -3.07 -21.23 -3.39
C PHE C 223 -3.54 -22.65 -3.12
N GLN C 224 -3.54 -23.04 -1.84
CA GLN C 224 -4.01 -24.36 -1.45
C GLN C 224 -5.46 -24.55 -1.87
N LEU C 225 -6.26 -23.50 -1.77
CA LEU C 225 -7.65 -23.54 -2.19
C LEU C 225 -7.79 -23.34 -3.69
N ALA C 226 -7.02 -22.40 -4.23
CA ALA C 226 -7.04 -22.12 -5.66
C ALA C 226 -6.70 -23.36 -6.46
N THR C 227 -5.72 -24.12 -6.00
CA THR C 227 -5.31 -25.36 -6.66
C THR C 227 -6.40 -26.42 -6.53
N LYS C 228 -6.92 -26.59 -5.31
CA LYS C 228 -7.97 -27.56 -5.05
C LYS C 228 -9.17 -27.36 -5.97
N ILE C 229 -9.53 -26.10 -6.19
CA ILE C 229 -10.66 -25.76 -7.05
C ILE C 229 -10.31 -25.93 -8.53
N MET C 230 -9.09 -25.57 -8.89
CA MET C 230 -8.65 -25.71 -10.28
C MET C 230 -8.70 -27.17 -10.72
N ASP C 231 -8.03 -28.03 -9.96
CA ASP C 231 -7.98 -29.45 -10.27
C ASP C 231 -9.38 -30.05 -10.38
N LYS C 232 -10.32 -29.45 -9.66
CA LYS C 232 -11.69 -29.95 -9.62
C LYS C 232 -12.52 -29.40 -10.78
N LEU C 233 -12.25 -28.16 -11.18
CA LEU C 233 -12.96 -27.54 -12.30
C LEU C 233 -12.54 -28.20 -13.61
N ILE C 234 -11.26 -28.50 -13.74
CA ILE C 234 -10.75 -29.14 -14.94
C ILE C 234 -11.24 -30.57 -15.06
N ARG C 235 -11.40 -31.23 -13.91
CA ARG C 235 -11.74 -32.64 -13.86
C ARG C 235 -13.24 -32.90 -13.98
N ASP C 236 -14.05 -31.97 -13.48
CA ASP C 236 -15.49 -32.17 -13.45
C ASP C 236 -16.25 -31.09 -14.24
N GLY C 237 -15.52 -30.15 -14.81
CA GLY C 237 -16.13 -29.03 -15.51
C GLY C 237 -16.74 -28.05 -14.54
N ARG C 238 -16.77 -28.43 -13.27
CA ARG C 238 -17.32 -27.60 -12.21
C ARG C 238 -16.83 -28.14 -10.88
N VAL C 239 -17.14 -27.44 -9.79
CA VAL C 239 -16.84 -27.96 -8.47
C VAL C 239 -18.03 -28.74 -7.93
N ILE C 240 -17.84 -30.03 -7.71
CA ILE C 240 -18.89 -30.88 -7.18
C ILE C 240 -18.77 -31.00 -5.67
N ARG C 241 -19.81 -30.61 -4.95
CA ARG C 241 -19.78 -30.59 -3.50
C ARG C 241 -20.89 -31.44 -2.89
N GLY C 242 -20.54 -32.18 -1.84
CA GLY C 242 -21.54 -32.86 -1.04
C GLY C 242 -22.33 -31.83 -0.28
N TYR C 243 -23.58 -32.16 0.06
CA TYR C 243 -24.45 -31.20 0.71
C TYR C 243 -25.40 -31.89 1.69
N ILE C 244 -25.27 -31.54 2.97
CA ILE C 244 -26.14 -32.12 4.00
C ILE C 244 -27.31 -31.21 4.32
N GLY C 245 -27.33 -30.04 3.69
CA GLY C 245 -28.42 -29.09 3.89
C GLY C 245 -28.60 -28.71 5.34
N ILE C 246 -27.50 -28.40 6.01
CA ILE C 246 -27.54 -28.00 7.40
C ILE C 246 -26.77 -26.71 7.62
N GLY C 247 -27.27 -25.89 8.54
CA GLY C 247 -26.58 -24.68 8.93
C GLY C 247 -26.30 -24.74 10.42
N GLY C 248 -25.03 -24.64 10.79
CA GLY C 248 -24.66 -24.69 12.19
C GLY C 248 -23.27 -24.14 12.45
N ARG C 249 -23.05 -23.67 13.67
CA ARG C 249 -21.75 -23.10 14.03
C ARG C 249 -21.16 -23.78 15.26
N GLU C 250 -19.88 -24.12 15.17
CA GLU C 250 -19.19 -24.79 16.26
C GLU C 250 -19.17 -23.93 17.52
N GLN C 263 -19.53 -30.37 28.48
CA GLN C 263 -20.30 -31.18 27.55
C GLN C 263 -19.42 -31.74 26.45
N LEU C 264 -20.03 -32.41 25.48
CA LEU C 264 -19.29 -32.93 24.33
C LEU C 264 -18.99 -31.82 23.33
N GLN C 265 -17.95 -32.04 22.53
CA GLN C 265 -17.54 -31.09 21.51
C GLN C 265 -18.12 -31.48 20.16
N GLY C 266 -18.97 -30.61 19.60
CA GLY C 266 -19.55 -30.86 18.29
C GLY C 266 -20.06 -29.59 17.64
N ILE C 267 -20.41 -29.69 16.36
CA ILE C 267 -20.99 -28.57 15.64
C ILE C 267 -22.48 -28.49 15.95
N VAL C 268 -22.92 -27.30 16.38
CA VAL C 268 -24.34 -27.11 16.68
C VAL C 268 -25.12 -26.76 15.42
N VAL C 269 -26.24 -27.44 15.21
CA VAL C 269 -27.10 -27.13 14.08
C VAL C 269 -27.98 -25.92 14.41
N ASN C 270 -28.08 -24.98 13.47
CA ASN C 270 -28.93 -23.81 13.65
C ASN C 270 -30.12 -23.86 12.72
N GLU C 271 -29.85 -24.21 11.46
CA GLU C 271 -30.88 -24.30 10.44
C GLU C 271 -30.80 -25.66 9.74
N VAL C 272 -31.94 -26.15 9.29
CA VAL C 272 -31.99 -27.39 8.52
C VAL C 272 -32.73 -27.15 7.22
N SER C 273 -31.99 -27.17 6.11
CA SER C 273 -32.57 -26.95 4.79
C SER C 273 -33.74 -27.91 4.53
N PRO C 274 -34.92 -27.35 4.24
CA PRO C 274 -36.13 -28.13 3.99
C PRO C 274 -35.92 -29.14 2.86
N ASP C 275 -36.40 -30.36 3.06
CA ASP C 275 -36.21 -31.43 2.08
C ASP C 275 -34.72 -31.71 1.84
N GLY C 276 -33.89 -31.21 2.75
CA GLY C 276 -32.46 -31.45 2.69
C GLY C 276 -32.10 -32.75 3.35
N PRO C 277 -30.92 -33.30 3.02
CA PRO C 277 -30.43 -34.57 3.56
C PRO C 277 -30.61 -34.65 5.07
N ALA C 278 -30.39 -33.55 5.76
CA ALA C 278 -30.52 -33.50 7.21
C ALA C 278 -31.97 -33.68 7.65
N ALA C 279 -32.83 -32.80 7.15
CA ALA C 279 -34.25 -32.86 7.48
C ALA C 279 -34.79 -34.26 7.20
N ASN C 280 -34.47 -34.78 6.03
CA ASN C 280 -34.90 -36.13 5.64
C ASN C 280 -34.44 -37.18 6.64
N ALA C 281 -33.18 -37.09 7.05
CA ALA C 281 -32.61 -38.06 7.97
C ALA C 281 -33.21 -37.91 9.37
N GLY C 282 -33.73 -36.73 9.66
CA GLY C 282 -34.35 -36.48 10.95
C GLY C 282 -33.50 -35.62 11.87
N ILE C 283 -32.49 -34.96 11.31
CA ILE C 283 -31.66 -34.06 12.08
C ILE C 283 -32.42 -32.78 12.38
N GLN C 284 -32.20 -32.24 13.58
CA GLN C 284 -32.91 -31.06 14.02
C GLN C 284 -31.94 -29.95 14.40
N VAL C 285 -32.42 -28.70 14.40
CA VAL C 285 -31.55 -27.58 14.67
C VAL C 285 -30.87 -27.68 16.04
N ASN C 286 -31.65 -27.84 17.10
CA ASN C 286 -31.06 -27.85 18.43
C ASN C 286 -30.01 -28.93 18.69
N ASP C 287 -30.15 -30.10 18.06
CA ASP C 287 -29.21 -31.19 18.29
C ASP C 287 -27.79 -30.84 17.87
N LEU C 288 -26.83 -31.41 18.59
CA LEU C 288 -25.42 -31.12 18.37
C LEU C 288 -24.72 -32.26 17.63
N ILE C 289 -24.11 -31.96 16.49
CA ILE C 289 -23.43 -32.97 15.69
C ILE C 289 -22.05 -33.33 16.24
N ILE C 290 -21.96 -34.49 16.86
CA ILE C 290 -20.69 -34.96 17.43
C ILE C 290 -19.75 -35.47 16.33
N SER C 291 -20.32 -36.20 15.37
CA SER C 291 -19.53 -36.85 14.33
C SER C 291 -20.23 -36.85 12.98
N VAL C 292 -19.42 -36.76 11.92
CA VAL C 292 -19.94 -36.81 10.55
C VAL C 292 -19.12 -37.79 9.72
N ASP C 293 -19.80 -38.77 9.13
CA ASP C 293 -19.15 -39.79 8.32
C ASP C 293 -17.91 -40.36 9.01
N ASN C 294 -18.10 -40.87 10.21
CA ASN C 294 -17.02 -41.49 10.97
C ASN C 294 -15.82 -40.57 11.18
N LYS C 295 -16.08 -39.26 11.18
CA LYS C 295 -15.04 -38.28 11.46
C LYS C 295 -15.55 -37.29 12.49
N PRO C 296 -14.73 -36.98 13.49
CA PRO C 296 -15.11 -36.09 14.59
C PRO C 296 -15.49 -34.70 14.09
N ALA C 297 -16.65 -34.21 14.50
CA ALA C 297 -17.04 -32.84 14.17
C ALA C 297 -16.36 -31.89 15.14
N ILE C 298 -15.08 -31.62 14.90
CA ILE C 298 -14.31 -30.75 15.78
C ILE C 298 -14.42 -29.29 15.33
N SER C 299 -14.53 -29.08 14.03
CA SER C 299 -14.66 -27.72 13.51
C SER C 299 -15.71 -27.61 12.40
N ALA C 300 -16.62 -26.65 12.57
CA ALA C 300 -17.69 -26.41 11.62
C ALA C 300 -17.16 -26.15 10.21
N LEU C 301 -15.91 -25.69 10.13
CA LEU C 301 -15.31 -25.36 8.85
C LEU C 301 -14.55 -26.54 8.25
N GLU C 302 -13.85 -27.29 9.08
CA GLU C 302 -13.13 -28.47 8.61
C GLU C 302 -14.12 -29.55 8.21
N THR C 303 -15.32 -29.50 8.80
CA THR C 303 -16.36 -30.47 8.48
C THR C 303 -17.01 -30.15 7.14
N MET C 304 -17.33 -28.88 6.93
CA MET C 304 -17.99 -28.47 5.70
C MET C 304 -17.08 -28.73 4.50
N ALA C 305 -15.78 -28.79 4.75
CA ALA C 305 -14.82 -29.14 3.71
C ALA C 305 -14.85 -30.64 3.46
N GLN C 306 -15.05 -31.40 4.54
CA GLN C 306 -15.16 -32.85 4.44
C GLN C 306 -16.45 -33.25 3.72
N VAL C 307 -17.51 -32.49 3.99
CA VAL C 307 -18.80 -32.74 3.36
C VAL C 307 -18.71 -32.46 1.85
N ALA C 308 -18.06 -31.37 1.50
CA ALA C 308 -17.91 -30.96 0.11
C ALA C 308 -17.14 -31.99 -0.71
N GLU C 309 -16.47 -32.91 -0.02
CA GLU C 309 -15.66 -33.93 -0.69
C GLU C 309 -16.40 -35.25 -0.83
N ILE C 310 -17.59 -35.33 -0.26
CA ILE C 310 -18.38 -36.55 -0.32
C ILE C 310 -19.16 -36.65 -1.63
N ARG C 311 -18.91 -37.71 -2.38
CA ARG C 311 -19.60 -37.93 -3.65
C ARG C 311 -21.10 -38.01 -3.44
N PRO C 312 -21.85 -37.09 -4.07
CA PRO C 312 -23.31 -37.04 -3.93
C PRO C 312 -23.94 -38.42 -4.15
N GLY C 313 -24.91 -38.76 -3.31
CA GLY C 313 -25.58 -40.05 -3.39
C GLY C 313 -25.05 -41.01 -2.34
N SER C 314 -24.10 -40.54 -1.53
CA SER C 314 -23.49 -41.37 -0.50
C SER C 314 -24.24 -41.26 0.81
N VAL C 315 -24.59 -42.41 1.39
CA VAL C 315 -25.26 -42.45 2.68
C VAL C 315 -24.23 -42.52 3.80
N ILE C 316 -24.20 -41.49 4.64
CA ILE C 316 -23.20 -41.39 5.70
C ILE C 316 -23.84 -41.27 7.08
N PRO C 317 -23.15 -41.75 8.11
CA PRO C 317 -23.60 -41.65 9.50
C PRO C 317 -23.37 -40.24 10.05
N VAL C 318 -24.34 -39.72 10.78
CA VAL C 318 -24.18 -38.42 11.45
C VAL C 318 -24.69 -38.52 12.89
N VAL C 319 -23.77 -38.66 13.83
CA VAL C 319 -24.12 -38.75 15.24
C VAL C 319 -24.36 -37.36 15.83
N VAL C 320 -25.47 -37.21 16.54
CA VAL C 320 -25.81 -35.93 17.16
C VAL C 320 -26.12 -36.07 18.64
N MET C 321 -26.58 -34.99 19.25
CA MET C 321 -26.90 -34.99 20.69
C MET C 321 -28.24 -34.31 20.95
N ARG C 322 -29.28 -35.11 21.13
CA ARG C 322 -30.58 -34.59 21.54
C ARG C 322 -30.94 -35.06 22.94
N ASP C 323 -31.26 -34.11 23.81
CA ASP C 323 -31.65 -34.41 25.18
C ASP C 323 -30.54 -35.18 25.90
N ASP C 324 -29.30 -34.78 25.67
CA ASP C 324 -28.15 -35.42 26.29
C ASP C 324 -28.08 -36.90 25.94
N LYS C 325 -28.57 -37.25 24.75
CA LYS C 325 -28.54 -38.63 24.28
C LYS C 325 -27.96 -38.70 22.88
N GLN C 326 -26.97 -39.57 22.68
CA GLN C 326 -26.36 -39.73 21.37
C GLN C 326 -27.32 -40.41 20.40
N LEU C 327 -27.53 -39.78 19.26
CA LEU C 327 -28.40 -40.33 18.22
C LEU C 327 -27.64 -40.45 16.90
N THR C 328 -27.58 -41.67 16.35
CA THR C 328 -26.93 -41.89 15.08
C THR C 328 -27.93 -41.84 13.94
N LEU C 329 -27.78 -40.85 13.06
CA LEU C 329 -28.71 -40.66 11.96
C LEU C 329 -28.02 -40.83 10.61
N GLN C 330 -28.44 -41.85 9.87
CA GLN C 330 -27.96 -42.06 8.51
C GLN C 330 -28.49 -40.95 7.61
N VAL C 331 -27.60 -40.37 6.81
CA VAL C 331 -27.99 -39.29 5.90
C VAL C 331 -27.52 -39.57 4.49
N THR C 332 -28.28 -39.07 3.50
CA THR C 332 -27.91 -39.21 2.10
C THR C 332 -27.40 -37.89 1.55
N ILE C 333 -26.18 -37.90 1.01
CA ILE C 333 -25.58 -36.68 0.50
C ILE C 333 -26.13 -36.28 -0.85
N GLN C 334 -26.65 -35.05 -0.93
CA GLN C 334 -27.09 -34.49 -2.19
C GLN C 334 -25.92 -33.80 -2.87
N GLU C 335 -26.23 -32.99 -3.87
CA GLU C 335 -25.23 -32.13 -4.47
C GLU C 335 -25.59 -30.68 -4.15
N TYR C 336 -24.58 -29.85 -3.91
CA TYR C 336 -24.82 -28.46 -3.53
C TYR C 336 -25.69 -27.75 -4.55
N PRO C 337 -26.77 -27.09 -4.08
CA PRO C 337 -27.70 -26.35 -4.92
C PRO C 337 -27.01 -25.29 -5.78
N ALA C 338 -27.45 -25.16 -7.03
CA ALA C 338 -26.90 -24.15 -7.92
C ALA C 338 -27.17 -22.75 -7.38
N THR C 339 -26.21 -21.85 -7.58
CA THR C 339 -26.30 -20.48 -7.08
C THR C 339 -27.62 -19.83 -7.47
N TYR D 1 -1.26 9.61 -32.72
CA TYR D 1 -0.06 10.35 -32.35
C TYR D 1 0.23 11.46 -33.34
N ARG D 2 1.14 12.36 -32.96
CA ARG D 2 1.55 13.44 -33.84
C ARG D 2 3.01 13.78 -33.58
N PHE D 3 3.92 13.10 -34.28
CA PHE D 3 5.34 13.35 -34.12
C PHE D 3 5.96 13.83 -35.43
N TYR E 1 2.93 30.02 23.14
CA TYR E 1 2.67 28.81 23.89
C TYR E 1 2.11 29.11 25.28
N ARG E 2 1.80 28.06 26.02
CA ARG E 2 1.26 28.19 27.38
C ARG E 2 1.59 26.97 28.22
N PHE E 3 2.76 26.98 28.86
CA PHE E 3 3.20 25.85 29.66
C PHE E 3 3.43 26.26 31.12
N TYR F 1 -23.36 -21.60 9.40
CA TYR F 1 -22.58 -22.11 8.27
C TYR F 1 -23.39 -23.08 7.42
N ARG F 2 -23.63 -22.70 6.17
CA ARG F 2 -24.37 -23.52 5.23
C ARG F 2 -23.47 -24.56 4.57
N PHE F 3 -23.79 -25.83 4.77
CA PHE F 3 -23.07 -26.91 4.11
C PHE F 3 -23.92 -28.17 4.01
#